data_8TNE
#
_entry.id   8TNE
#
_cell.length_a   228.797
_cell.length_b   49.272
_cell.length_c   100.588
_cell.angle_alpha   90.00
_cell.angle_beta   101.03
_cell.angle_gamma   90.00
#
_symmetry.space_group_name_H-M   'C 1 2 1'
#
loop_
_entity.id
_entity.type
_entity.pdbx_description
1 polymer Pectinesterase
2 non-polymer 1,2-ETHANEDIOL
3 water water
#
_entity_poly.entity_id   1
_entity_poly.type   'polypeptide(L)'
_entity_poly.pdbx_seq_one_letter_code
;MGSSHHHHHHSSGLVPRGSHMLEMKGKRMFEVHVKKENGDYSTITEAIQAVPYEEKAIIYIGEGTYHEKLFCEKSDITFV
GAGIDKTIIEYDDGAFDQMEDGSKMGTFRSYTAFFGGKRVTVRNMTIANTVGDGSLHGQALAVYADANICFFENVKMTGH
QDTLFCAPLPLTERQKNGFMGPRVLNPRKKTAQLYRNCEIYGDVDFIFGGADAVFEDCLIVCNNRQKNVAAGESQDGRFI
NGYITAACGSRDDLGFVFRNCTVRGEEGCIEGSVFLGRPWRDEARTVFLDCKMDNSIAPERFSGWGAVDKDQPDTYYGEY
RSLDIIDSSVIVADAKNAFVKDITEKDYKNLSDRADELKKKVTE
;
_entity_poly.pdbx_strand_id   A,B,C
#
# COMPACT_ATOMS: atom_id res chain seq x y z
N LYS A 27 5.83 -12.71 37.44
CA LYS A 27 6.24 -13.10 36.05
C LYS A 27 5.33 -12.44 35.02
N ARG A 28 5.90 -11.50 34.24
CA ARG A 28 5.17 -10.80 33.18
C ARG A 28 5.43 -11.49 31.84
N MET A 29 4.33 -12.01 31.30
CA MET A 29 4.34 -12.64 29.96
C MET A 29 2.87 -12.64 29.56
N PHE A 30 2.56 -12.29 28.32
CA PHE A 30 1.20 -12.25 27.84
C PHE A 30 0.75 -13.69 27.58
N GLU A 31 -0.26 -14.19 28.28
CA GLU A 31 -0.62 -15.60 28.23
C GLU A 31 -2.00 -15.78 27.65
N VAL A 32 -2.16 -16.73 26.73
CA VAL A 32 -3.48 -17.07 26.22
C VAL A 32 -3.69 -18.59 26.32
N HIS A 33 -4.85 -19.02 26.82
CA HIS A 33 -5.13 -20.45 26.93
C HIS A 33 -6.17 -20.83 25.89
N VAL A 34 -5.78 -21.72 24.95
CA VAL A 34 -6.71 -22.28 23.98
C VAL A 34 -7.16 -23.65 24.45
N LYS A 35 -8.48 -23.88 24.49
CA LYS A 35 -9.04 -25.21 24.75
C LYS A 35 -10.31 -25.40 23.93
N LYS A 36 -10.65 -26.66 23.68
CA LYS A 36 -11.88 -26.99 22.99
C LYS A 36 -13.07 -26.50 23.77
N GLU A 37 -12.93 -26.50 25.11
CA GLU A 37 -13.96 -26.02 26.02
C GLU A 37 -13.29 -25.29 27.19
N ASN A 38 -13.92 -24.19 27.62
CA ASN A 38 -13.53 -23.46 28.82
C ASN A 38 -12.18 -22.76 28.65
N GLY A 39 -11.75 -22.48 27.42
CA GLY A 39 -10.49 -21.75 27.20
C GLY A 39 -10.73 -20.25 27.12
N ASP A 40 -9.67 -19.45 26.95
CA ASP A 40 -9.82 -18.06 26.56
C ASP A 40 -10.41 -18.03 25.15
N TYR A 41 -9.90 -18.91 24.29
CA TYR A 41 -10.47 -19.08 22.96
C TYR A 41 -10.51 -20.58 22.65
N SER A 42 -11.28 -20.98 21.64
CA SER A 42 -11.34 -22.37 21.21
C SER A 42 -10.55 -22.60 19.94
N THR A 43 -10.00 -21.52 19.36
CA THR A 43 -9.14 -21.63 18.18
C THR A 43 -7.78 -20.99 18.44
N ILE A 44 -6.76 -21.51 17.77
CA ILE A 44 -5.41 -20.98 17.90
C ILE A 44 -5.34 -19.61 17.19
N THR A 45 -6.01 -19.51 16.04
CA THR A 45 -6.07 -18.29 15.26
C THR A 45 -6.49 -17.12 16.14
N GLU A 46 -7.57 -17.30 16.91
CA GLU A 46 -8.02 -16.20 17.74
C GLU A 46 -6.99 -15.89 18.82
N ALA A 47 -6.23 -16.90 19.28
CA ALA A 47 -5.23 -16.62 20.31
C ALA A 47 -4.10 -15.79 19.72
N ILE A 48 -3.68 -16.15 18.49
CA ILE A 48 -2.63 -15.43 17.80
C ILE A 48 -3.04 -13.94 17.63
N GLN A 49 -4.32 -13.69 17.31
CA GLN A 49 -4.81 -12.34 17.08
C GLN A 49 -4.69 -11.53 18.36
N ALA A 50 -4.84 -12.23 19.48
CA ALA A 50 -4.90 -11.60 20.78
C ALA A 50 -3.52 -11.09 21.13
N VAL A 51 -2.48 -11.68 20.59
CA VAL A 51 -1.15 -11.36 21.05
C VAL A 51 -0.69 -10.09 20.37
N PRO A 52 -0.32 -9.03 21.11
CA PRO A 52 0.31 -7.87 20.50
C PRO A 52 1.72 -8.26 20.02
N TYR A 53 2.02 -7.93 18.76
CA TYR A 53 3.30 -8.25 18.18
C TYR A 53 4.49 -7.99 19.12
N GLU A 54 4.46 -6.89 19.86
CA GLU A 54 5.66 -6.44 20.53
C GLU A 54 5.84 -7.10 21.91
N GLU A 55 4.86 -7.89 22.34
CA GLU A 55 4.86 -8.44 23.69
C GLU A 55 5.27 -9.91 23.67
N LYS A 56 6.27 -10.22 24.51
CA LYS A 56 6.63 -11.60 24.79
C LYS A 56 5.39 -12.33 25.27
N ALA A 57 5.07 -13.45 24.60
CA ALA A 57 3.80 -14.09 24.81
C ALA A 57 3.95 -15.60 24.82
N ILE A 58 2.94 -16.27 25.35
CA ILE A 58 2.84 -17.72 25.28
C ILE A 58 1.40 -18.11 25.08
N ILE A 59 1.17 -19.03 24.14
CA ILE A 59 -0.13 -19.62 23.94
C ILE A 59 -0.08 -21.10 24.37
N TYR A 60 -0.86 -21.45 25.40
CA TYR A 60 -1.04 -22.84 25.82
C TYR A 60 -2.19 -23.46 25.03
N ILE A 61 -1.97 -24.61 24.42
CA ILE A 61 -3.04 -25.22 23.65
C ILE A 61 -3.37 -26.60 24.20
N GLY A 62 -4.60 -26.77 24.68
CA GLY A 62 -5.06 -28.03 25.26
C GLY A 62 -5.26 -29.12 24.21
N GLU A 63 -5.46 -30.35 24.71
CA GLU A 63 -5.76 -31.53 23.92
C GLU A 63 -6.83 -31.26 22.88
N GLY A 64 -6.59 -31.79 21.68
CA GLY A 64 -7.59 -31.80 20.63
C GLY A 64 -6.95 -31.67 19.26
N THR A 65 -7.79 -31.79 18.24
CA THR A 65 -7.40 -31.63 16.85
C THR A 65 -7.98 -30.29 16.39
N TYR A 66 -7.11 -29.36 16.02
CA TYR A 66 -7.50 -28.04 15.57
C TYR A 66 -7.30 -27.95 14.05
N HIS A 67 -8.40 -27.93 13.31
CA HIS A 67 -8.35 -27.90 11.86
C HIS A 67 -8.32 -26.43 11.43
N GLU A 68 -7.13 -25.87 11.29
CA GLU A 68 -6.92 -24.44 11.07
C GLU A 68 -5.66 -24.25 10.24
N LYS A 69 -5.64 -23.16 9.47
CA LYS A 69 -4.48 -22.70 8.75
C LYS A 69 -3.95 -21.48 9.48
N LEU A 70 -2.74 -21.59 10.04
CA LEU A 70 -2.26 -20.54 10.94
C LEU A 70 -1.30 -19.60 10.21
N PHE A 71 -1.43 -18.29 10.52
CA PHE A 71 -0.43 -17.33 10.10
C PHE A 71 -0.01 -16.53 11.32
N CYS A 72 1.22 -16.71 11.75
CA CYS A 72 1.70 -16.05 12.95
C CYS A 72 2.92 -15.21 12.62
N GLU A 73 2.88 -13.91 12.95
CA GLU A 73 4.05 -13.04 12.86
C GLU A 73 4.15 -12.25 14.15
N LYS A 74 5.15 -12.52 14.99
CA LYS A 74 5.23 -11.85 16.29
C LYS A 74 6.69 -11.62 16.67
N SER A 75 6.94 -10.73 17.63
CA SER A 75 8.33 -10.52 18.02
C SER A 75 8.85 -11.71 18.83
N ASP A 76 8.05 -12.26 19.78
CA ASP A 76 8.56 -13.30 20.66
C ASP A 76 7.40 -14.13 21.20
N ILE A 77 7.07 -15.22 20.52
CA ILE A 77 5.93 -16.00 20.97
C ILE A 77 6.31 -17.47 21.11
N THR A 78 5.67 -18.14 22.07
CA THR A 78 5.83 -19.56 22.36
C THR A 78 4.48 -20.27 22.26
N PHE A 79 4.42 -21.38 21.52
CA PHE A 79 3.24 -22.24 21.52
C PHE A 79 3.57 -23.55 22.24
N VAL A 80 2.71 -23.97 23.19
CA VAL A 80 2.93 -25.19 23.95
C VAL A 80 1.64 -26.01 23.90
N GLY A 81 1.68 -27.14 23.17
CA GLY A 81 0.55 -28.06 23.12
C GLY A 81 0.61 -29.07 24.28
N ALA A 82 -0.35 -30.01 24.32
CA ALA A 82 -0.44 -31.03 25.37
C ALA A 82 0.44 -32.24 25.10
N GLY A 83 1.16 -32.22 23.97
CA GLY A 83 2.10 -33.28 23.64
C GLY A 83 1.87 -33.77 22.21
N ILE A 84 2.85 -34.49 21.69
CA ILE A 84 2.74 -35.08 20.36
C ILE A 84 1.51 -35.99 20.27
N ASP A 85 0.70 -35.75 19.23
CA ASP A 85 -0.51 -36.49 18.92
C ASP A 85 -1.58 -36.37 20.00
N LYS A 86 -1.42 -35.39 20.90
CA LYS A 86 -2.44 -35.01 21.87
C LYS A 86 -3.02 -33.64 21.52
N THR A 87 -2.13 -32.68 21.25
CA THR A 87 -2.49 -31.47 20.52
C THR A 87 -2.07 -31.61 19.05
N ILE A 88 -3.03 -31.54 18.12
CA ILE A 88 -2.76 -31.70 16.71
C ILE A 88 -3.29 -30.47 15.95
N ILE A 89 -2.42 -29.80 15.20
CA ILE A 89 -2.82 -28.75 14.26
C ILE A 89 -2.76 -29.32 12.85
N GLU A 90 -3.88 -29.34 12.15
CA GLU A 90 -3.91 -30.00 10.84
C GLU A 90 -4.67 -29.13 9.83
N TYR A 91 -4.23 -29.18 8.57
CA TYR A 91 -4.97 -28.59 7.46
C TYR A 91 -4.55 -29.36 6.20
N ASP A 92 -5.24 -29.13 5.08
CA ASP A 92 -5.11 -29.99 3.89
C ASP A 92 -5.07 -29.19 2.60
N ASP A 93 -4.26 -28.14 2.57
CA ASP A 93 -4.05 -27.37 1.35
C ASP A 93 -2.87 -27.97 0.59
N GLY A 94 -3.04 -28.13 -0.73
CA GLY A 94 -1.95 -28.58 -1.58
C GLY A 94 -1.69 -27.60 -2.73
N ALA A 95 -0.44 -27.61 -3.20
CA ALA A 95 0.00 -26.71 -4.26
C ALA A 95 -0.90 -26.82 -5.49
N PHE A 96 -1.48 -27.98 -5.78
CA PHE A 96 -2.22 -28.16 -7.02
C PHE A 96 -3.64 -27.63 -6.92
N ASP A 97 -4.04 -27.22 -5.71
CA ASP A 97 -5.38 -26.70 -5.49
C ASP A 97 -5.59 -25.42 -6.34
N GLN A 98 -6.84 -25.19 -6.74
CA GLN A 98 -7.17 -23.99 -7.47
C GLN A 98 -7.74 -22.96 -6.51
N MET A 99 -7.20 -21.74 -6.58
CA MET A 99 -7.66 -20.61 -5.79
C MET A 99 -8.82 -19.94 -6.52
N GLU A 100 -9.52 -19.06 -5.81
CA GLU A 100 -10.70 -18.40 -6.38
C GLU A 100 -10.38 -17.65 -7.68
N ASP A 101 -9.23 -16.95 -7.71
CA ASP A 101 -8.88 -16.14 -8.86
C ASP A 101 -8.42 -16.99 -10.03
N GLY A 102 -8.39 -18.30 -9.86
CA GLY A 102 -8.04 -19.22 -10.94
C GLY A 102 -6.61 -19.73 -10.85
N SER A 103 -5.77 -19.10 -10.02
CA SER A 103 -4.36 -19.44 -9.96
C SER A 103 -4.19 -20.77 -9.24
N LYS A 104 -3.04 -21.43 -9.44
CA LYS A 104 -2.65 -22.57 -8.63
C LYS A 104 -2.08 -22.06 -7.30
N MET A 105 -2.46 -22.72 -6.21
CA MET A 105 -2.07 -22.31 -4.87
C MET A 105 -0.57 -22.22 -4.77
N GLY A 106 0.13 -23.23 -5.28
CA GLY A 106 1.57 -23.29 -5.22
C GLY A 106 2.10 -23.77 -3.85
N THR A 107 3.36 -24.21 -3.87
CA THR A 107 4.09 -24.66 -2.71
C THR A 107 3.89 -23.73 -1.52
N PHE A 108 4.23 -22.45 -1.68
CA PHE A 108 4.48 -21.60 -0.53
C PHE A 108 3.20 -20.98 0.00
N ARG A 109 2.05 -21.40 -0.53
CA ARG A 109 0.78 -21.04 0.06
C ARG A 109 0.05 -22.26 0.66
N SER A 110 0.69 -23.43 0.65
CA SER A 110 0.05 -24.67 1.06
C SER A 110 0.15 -24.91 2.57
N TYR A 111 0.87 -24.04 3.30
CA TYR A 111 1.30 -24.36 4.66
C TYR A 111 0.10 -24.58 5.58
N THR A 112 0.18 -25.57 6.47
CA THR A 112 -0.74 -25.64 7.58
C THR A 112 -0.43 -24.53 8.60
N ALA A 113 0.83 -24.20 8.79
CA ALA A 113 1.16 -23.16 9.76
C ALA A 113 2.39 -22.37 9.32
N PHE A 114 2.27 -21.05 9.37
CA PHE A 114 3.38 -20.16 9.06
C PHE A 114 3.87 -19.51 10.35
N PHE A 115 5.15 -19.63 10.63
CA PHE A 115 5.70 -19.02 11.82
C PHE A 115 6.76 -18.01 11.39
N GLY A 116 6.41 -16.71 11.50
CA GLY A 116 7.34 -15.64 11.16
C GLY A 116 7.53 -14.67 12.31
N GLY A 117 8.35 -13.63 12.07
CA GLY A 117 8.65 -12.63 13.06
C GLY A 117 10.08 -12.77 13.53
N LYS A 118 10.36 -12.35 14.76
CA LYS A 118 11.73 -12.39 15.26
C LYS A 118 12.02 -13.73 15.96
N ARG A 119 11.23 -14.15 16.94
CA ARG A 119 11.53 -15.36 17.68
C ARG A 119 10.27 -16.18 17.89
N VAL A 120 10.25 -17.43 17.43
CA VAL A 120 9.11 -18.31 17.67
CA VAL A 120 9.12 -18.31 17.67
C VAL A 120 9.59 -19.60 18.34
N THR A 121 8.82 -20.12 19.26
CA THR A 121 9.11 -21.39 19.92
C THR A 121 7.86 -22.26 19.86
N VAL A 122 8.02 -23.53 19.46
CA VAL A 122 6.89 -24.46 19.39
C VAL A 122 7.24 -25.76 20.09
N ARG A 123 6.35 -26.22 20.97
CA ARG A 123 6.69 -27.41 21.77
C ARG A 123 5.50 -28.32 22.09
N ASN A 124 5.67 -29.63 21.93
CA ASN A 124 4.72 -30.59 22.46
C ASN A 124 3.44 -30.58 21.63
N MET A 125 3.56 -30.83 20.32
CA MET A 125 2.39 -30.96 19.46
C MET A 125 2.74 -31.61 18.13
N THR A 126 1.69 -31.98 17.41
CA THR A 126 1.80 -32.46 16.03
C THR A 126 1.25 -31.37 15.13
N ILE A 127 1.95 -31.12 14.03
CA ILE A 127 1.44 -30.23 12.99
C ILE A 127 1.48 -31.00 11.69
N ALA A 128 0.35 -31.10 11.03
CA ALA A 128 0.21 -32.01 9.92
C ALA A 128 -0.39 -31.31 8.71
N ASN A 129 0.13 -31.66 7.54
CA ASN A 129 -0.57 -31.41 6.28
C ASN A 129 -1.08 -32.77 5.77
N THR A 130 -2.41 -32.92 5.77
CA THR A 130 -3.04 -34.20 5.52
C THR A 130 -3.54 -34.34 4.09
N VAL A 131 -3.09 -33.50 3.15
CA VAL A 131 -3.70 -33.48 1.84
C VAL A 131 -3.39 -34.77 1.07
N GLY A 132 -2.16 -35.28 1.18
CA GLY A 132 -1.76 -36.54 0.59
C GLY A 132 -0.48 -36.45 -0.25
N ASP A 133 -0.26 -37.51 -1.05
CA ASP A 133 0.91 -37.66 -1.91
C ASP A 133 1.02 -36.51 -2.92
N GLY A 134 2.27 -36.12 -3.21
CA GLY A 134 2.56 -34.97 -4.06
C GLY A 134 2.20 -35.19 -5.53
N SER A 135 2.03 -36.45 -5.93
CA SER A 135 1.81 -36.71 -7.33
C SER A 135 0.39 -36.29 -7.70
N LEU A 136 -0.53 -36.34 -6.72
CA LEU A 136 -1.92 -35.93 -6.93
C LEU A 136 -2.22 -34.55 -6.37
N HIS A 137 -1.52 -34.10 -5.31
CA HIS A 137 -1.87 -32.89 -4.61
C HIS A 137 -0.76 -31.84 -4.67
N GLY A 138 0.38 -32.17 -5.27
CA GLY A 138 1.51 -31.25 -5.30
C GLY A 138 2.17 -31.12 -3.92
N GLN A 139 3.15 -30.24 -3.82
CA GLN A 139 3.81 -29.90 -2.57
C GLN A 139 2.78 -29.44 -1.55
N ALA A 140 3.05 -29.69 -0.27
CA ALA A 140 2.10 -29.41 0.79
C ALA A 140 2.81 -29.30 2.13
N LEU A 141 3.13 -28.06 2.53
CA LEU A 141 3.90 -27.83 3.75
C LEU A 141 3.01 -28.10 4.95
N ALA A 142 3.59 -28.71 5.98
CA ALA A 142 3.00 -28.66 7.31
C ALA A 142 3.42 -27.34 7.96
N VAL A 143 4.69 -27.01 7.84
CA VAL A 143 5.24 -25.89 8.57
C VAL A 143 6.10 -25.05 7.65
N TYR A 144 5.85 -23.74 7.69
CA TYR A 144 6.66 -22.72 6.97
C TYR A 144 7.38 -21.97 8.09
N ALA A 145 8.65 -22.25 8.30
CA ALA A 145 9.37 -21.70 9.42
C ALA A 145 10.18 -20.49 8.93
N ASP A 146 9.70 -19.28 9.23
CA ASP A 146 10.20 -18.07 8.59
C ASP A 146 10.82 -17.12 9.59
N ALA A 147 10.61 -17.34 10.90
CA ALA A 147 11.08 -16.39 11.88
C ALA A 147 12.60 -16.34 11.92
N ASN A 148 13.16 -15.21 12.36
CA ASN A 148 14.61 -15.10 12.42
C ASN A 148 15.23 -16.23 13.22
N ILE A 149 14.57 -16.57 14.32
CA ILE A 149 15.01 -17.60 15.25
C ILE A 149 13.81 -18.49 15.57
N CYS A 150 13.92 -19.77 15.23
CA CYS A 150 12.87 -20.75 15.47
C CYS A 150 13.41 -21.87 16.36
N PHE A 151 12.60 -22.31 17.33
CA PHE A 151 12.98 -23.37 18.24
C PHE A 151 11.81 -24.32 18.38
N PHE A 152 11.93 -25.52 17.80
CA PHE A 152 10.93 -26.56 17.90
C PHE A 152 11.43 -27.67 18.82
N GLU A 153 10.61 -28.08 19.77
CA GLU A 153 11.00 -29.10 20.73
C GLU A 153 9.80 -30.03 20.94
N ASN A 154 10.02 -31.33 20.77
CA ASN A 154 8.97 -32.34 20.94
C ASN A 154 7.80 -32.00 20.05
N VAL A 155 8.13 -31.72 18.79
CA VAL A 155 7.09 -31.42 17.82
C VAL A 155 7.17 -32.49 16.74
N LYS A 156 6.00 -32.96 16.33
CA LYS A 156 5.90 -33.89 15.22
C LYS A 156 5.28 -33.19 14.02
N MET A 157 5.86 -33.39 12.85
CA MET A 157 5.43 -32.71 11.65
C MET A 157 5.26 -33.75 10.56
N THR A 158 4.08 -33.84 10.00
CA THR A 158 3.86 -34.87 9.01
C THR A 158 3.42 -34.26 7.70
N GLY A 159 3.90 -34.88 6.62
CA GLY A 159 3.35 -34.66 5.30
C GLY A 159 3.91 -35.66 4.31
N HIS A 160 3.80 -35.32 3.03
CA HIS A 160 4.36 -36.06 1.92
C HIS A 160 5.47 -35.20 1.30
N GLN A 161 5.13 -34.42 0.27
CA GLN A 161 6.11 -33.58 -0.40
C GLN A 161 6.22 -32.23 0.33
N ASP A 162 7.44 -31.81 0.65
CA ASP A 162 7.77 -30.49 1.19
C ASP A 162 7.16 -30.26 2.57
N THR A 163 7.26 -31.25 3.47
CA THR A 163 6.68 -31.15 4.79
C THR A 163 7.14 -29.89 5.56
N LEU A 164 8.44 -29.66 5.62
CA LEU A 164 8.96 -28.58 6.46
C LEU A 164 9.85 -27.69 5.60
N PHE A 165 9.47 -26.40 5.52
CA PHE A 165 10.27 -25.39 4.83
C PHE A 165 11.01 -24.54 5.86
N CYS A 166 12.33 -24.52 5.79
CA CYS A 166 13.12 -23.70 6.68
C CYS A 166 13.71 -22.55 5.86
N ALA A 167 13.07 -21.39 6.02
CA ALA A 167 13.41 -20.24 5.21
C ALA A 167 14.81 -19.74 5.55
N PRO A 168 15.57 -19.12 4.62
CA PRO A 168 14.95 -18.48 3.45
C PRO A 168 14.83 -19.17 2.10
N LEU A 169 13.96 -18.63 1.25
CA LEU A 169 13.87 -19.05 -0.13
C LEU A 169 15.21 -18.84 -0.83
N PRO A 170 15.45 -19.56 -1.94
CA PRO A 170 16.54 -19.20 -2.83
C PRO A 170 16.38 -17.78 -3.35
N LEU A 171 17.43 -17.22 -3.93
CA LEU A 171 17.42 -15.84 -4.39
C LEU A 171 16.39 -15.64 -5.50
N THR A 172 16.35 -16.52 -6.48
CA THR A 172 15.45 -16.34 -7.61
C THR A 172 14.76 -17.66 -8.00
N GLU A 173 13.55 -17.48 -8.53
CA GLU A 173 12.72 -18.61 -8.99
C GLU A 173 13.25 -19.18 -10.29
N ARG A 174 12.93 -20.44 -10.57
CA ARG A 174 13.32 -21.09 -11.84
C ARG A 174 12.02 -21.37 -12.58
N GLN A 175 10.89 -21.30 -11.86
CA GLN A 175 9.57 -21.46 -12.51
C GLN A 175 8.73 -20.22 -12.22
N LYS A 176 7.88 -19.83 -13.18
CA LYS A 176 7.07 -18.62 -13.02
C LYS A 176 6.16 -18.81 -11.81
N ASN A 177 6.21 -17.85 -10.88
CA ASN A 177 5.37 -17.83 -9.67
C ASN A 177 5.71 -18.93 -8.68
N GLY A 178 6.94 -19.45 -8.78
CA GLY A 178 7.37 -20.58 -7.99
C GLY A 178 7.39 -20.28 -6.51
N PHE A 179 7.56 -19.02 -6.11
CA PHE A 179 7.63 -18.65 -4.70
C PHE A 179 6.37 -17.92 -4.23
N MET A 180 5.33 -17.83 -5.09
CA MET A 180 4.06 -17.25 -4.69
C MET A 180 3.71 -17.71 -3.27
N GLY A 181 3.42 -16.73 -2.42
CA GLY A 181 3.30 -16.98 -0.98
C GLY A 181 3.58 -15.68 -0.22
N PRO A 182 3.61 -15.73 1.12
CA PRO A 182 3.75 -14.53 1.94
C PRO A 182 5.09 -13.83 1.98
N ARG A 183 6.12 -14.39 1.35
CA ARG A 183 7.45 -13.78 1.40
C ARG A 183 8.04 -13.64 0.00
N VAL A 184 7.21 -13.76 -1.04
CA VAL A 184 7.71 -13.72 -2.39
C VAL A 184 8.32 -12.35 -2.69
N LEU A 185 7.76 -11.28 -2.12
CA LEU A 185 8.21 -9.93 -2.38
C LEU A 185 9.32 -9.50 -1.42
N ASN A 186 9.56 -10.31 -0.38
CA ASN A 186 10.30 -9.85 0.78
C ASN A 186 11.77 -10.13 0.56
N PRO A 187 12.66 -9.54 1.38
CA PRO A 187 14.08 -9.92 1.35
C PRO A 187 14.24 -11.36 1.79
N ARG A 188 15.39 -11.94 1.43
CA ARG A 188 15.70 -13.32 1.77
C ARG A 188 16.42 -13.36 3.11
N LYS A 189 15.71 -13.21 4.23
CA LYS A 189 16.34 -13.08 5.52
C LYS A 189 16.89 -14.44 5.93
N LYS A 190 18.17 -14.47 6.33
CA LYS A 190 18.82 -15.60 6.94
C LYS A 190 18.12 -15.91 8.26
N THR A 191 17.96 -17.20 8.58
CA THR A 191 17.38 -17.62 9.85
C THR A 191 18.28 -18.65 10.55
N ALA A 192 18.07 -18.79 11.86
CA ALA A 192 18.73 -19.79 12.70
C ALA A 192 17.65 -20.63 13.39
N GLN A 193 17.61 -21.93 13.10
CA GLN A 193 16.56 -22.79 13.62
C GLN A 193 17.15 -24.00 14.36
N LEU A 194 16.46 -24.41 15.41
CA LEU A 194 16.89 -25.57 16.19
C LEU A 194 15.68 -26.48 16.36
N TYR A 195 15.89 -27.77 16.05
CA TYR A 195 14.90 -28.80 16.23
C TYR A 195 15.47 -29.84 17.18
N ARG A 196 14.79 -30.01 18.31
CA ARG A 196 15.26 -30.95 19.34
C ARG A 196 14.14 -31.93 19.68
N ASN A 197 14.44 -33.23 19.58
CA ASN A 197 13.49 -34.28 19.93
C ASN A 197 12.24 -34.22 19.07
N CYS A 198 12.34 -33.82 17.81
CA CYS A 198 11.20 -33.73 16.93
C CYS A 198 11.08 -35.03 16.12
N GLU A 199 9.90 -35.27 15.56
CA GLU A 199 9.71 -36.33 14.59
C GLU A 199 9.22 -35.68 13.29
N ILE A 200 9.84 -36.01 12.16
CA ILE A 200 9.52 -35.35 10.92
C ILE A 200 9.30 -36.41 9.85
N TYR A 201 8.15 -36.36 9.19
CA TYR A 201 7.79 -37.39 8.24
C TYR A 201 7.47 -36.75 6.90
N GLY A 202 7.87 -37.42 5.83
CA GLY A 202 7.57 -36.93 4.48
C GLY A 202 8.23 -37.84 3.46
N ASP A 203 8.33 -37.40 2.22
CA ASP A 203 9.05 -38.20 1.22
C ASP A 203 9.94 -37.30 0.35
N VAL A 204 9.35 -36.54 -0.58
CA VAL A 204 10.16 -35.73 -1.53
C VAL A 204 10.54 -34.37 -0.95
N ASP A 205 11.83 -34.12 -0.77
CA ASP A 205 12.32 -32.82 -0.33
C ASP A 205 11.59 -32.34 0.94
N PHE A 206 11.47 -33.21 1.97
CA PHE A 206 10.51 -32.92 3.01
C PHE A 206 11.14 -32.08 4.14
N ILE A 207 12.44 -31.83 4.07
CA ILE A 207 13.05 -30.78 4.88
C ILE A 207 13.87 -29.92 3.93
N PHE A 208 13.44 -28.68 3.63
CA PHE A 208 14.08 -27.92 2.55
C PHE A 208 14.12 -26.43 2.85
N GLY A 209 15.04 -25.72 2.15
CA GLY A 209 15.21 -24.30 2.34
C GLY A 209 16.62 -23.90 2.73
N GLY A 210 16.82 -22.62 3.06
CA GLY A 210 18.13 -21.97 3.11
C GLY A 210 18.54 -21.62 4.55
N ALA A 211 17.80 -22.13 5.53
CA ALA A 211 18.13 -21.89 6.92
C ALA A 211 19.47 -22.50 7.32
N ASP A 212 20.08 -21.90 8.33
CA ASP A 212 20.98 -22.61 9.22
C ASP A 212 20.10 -23.31 10.24
N ALA A 213 20.06 -24.65 10.19
CA ALA A 213 19.17 -25.44 11.02
C ALA A 213 19.92 -26.62 11.62
N VAL A 214 19.85 -26.76 12.94
CA VAL A 214 20.39 -27.92 13.61
C VAL A 214 19.26 -28.83 14.08
N PHE A 215 19.27 -30.08 13.65
CA PHE A 215 18.33 -31.06 14.18
C PHE A 215 19.06 -31.98 15.16
N GLU A 216 18.60 -32.00 16.40
CA GLU A 216 19.23 -32.82 17.45
C GLU A 216 18.25 -33.89 17.95
N ASP A 217 18.71 -35.13 17.98
CA ASP A 217 17.99 -36.22 18.63
C ASP A 217 16.59 -36.32 18.01
N CYS A 218 16.50 -36.15 16.70
CA CYS A 218 15.23 -36.20 16.00
C CYS A 218 15.06 -37.57 15.37
N LEU A 219 13.81 -38.00 15.17
CA LEU A 219 13.48 -39.10 14.29
C LEU A 219 13.00 -38.54 12.95
N ILE A 220 13.64 -38.95 11.85
CA ILE A 220 13.36 -38.46 10.50
C ILE A 220 13.03 -39.65 9.61
N VAL A 221 11.83 -39.72 9.07
CA VAL A 221 11.39 -40.89 8.37
C VAL A 221 10.83 -40.55 7.00
N CYS A 222 11.42 -41.12 5.95
CA CYS A 222 10.87 -41.03 4.60
C CYS A 222 9.72 -42.01 4.40
N ASN A 223 8.57 -41.53 3.97
CA ASN A 223 7.42 -42.40 3.68
C ASN A 223 7.78 -43.36 2.57
N ASN A 224 7.06 -44.49 2.54
CA ASN A 224 7.11 -45.46 1.44
C ASN A 224 6.20 -44.97 0.32
N ARG A 225 6.72 -44.05 -0.48
CA ARG A 225 6.01 -43.50 -1.63
C ARG A 225 5.50 -44.57 -2.56
N GLN A 226 6.20 -45.71 -2.63
CA GLN A 226 5.90 -46.71 -3.63
C GLN A 226 4.47 -47.21 -3.42
N LYS A 227 3.96 -47.18 -2.18
CA LYS A 227 2.62 -47.71 -1.88
C LYS A 227 1.54 -46.64 -2.09
N ASN A 228 1.94 -45.36 -2.10
CA ASN A 228 1.01 -44.23 -2.10
C ASN A 228 0.72 -43.71 -3.52
N VAL A 229 1.04 -44.49 -4.57
CA VAL A 229 0.93 -44.00 -5.95
C VAL A 229 0.22 -45.06 -6.82
N GLY A 237 11.97 -48.65 -14.07
CA GLY A 237 13.36 -48.46 -13.61
C GLY A 237 13.45 -48.42 -12.08
N ARG A 238 14.46 -47.73 -11.55
CA ARG A 238 14.65 -47.60 -10.12
C ARG A 238 13.56 -46.68 -9.52
N PHE A 239 12.89 -47.16 -8.47
CA PHE A 239 11.93 -46.37 -7.74
C PHE A 239 12.65 -45.63 -6.63
N ILE A 240 12.48 -44.30 -6.58
CA ILE A 240 13.07 -43.47 -5.55
C ILE A 240 11.95 -43.03 -4.63
N ASN A 241 12.04 -43.38 -3.34
CA ASN A 241 10.98 -43.08 -2.40
C ASN A 241 11.04 -41.62 -1.99
N GLY A 242 12.24 -41.04 -1.96
CA GLY A 242 12.32 -39.63 -1.57
C GLY A 242 13.73 -39.07 -1.38
N TYR A 243 13.73 -37.81 -0.98
CA TYR A 243 14.91 -37.04 -0.65
C TYR A 243 14.60 -36.33 0.65
N ILE A 244 15.37 -36.67 1.68
CA ILE A 244 15.10 -36.16 3.01
C ILE A 244 15.25 -34.65 3.03
N THR A 245 16.34 -34.14 2.45
CA THR A 245 16.64 -32.72 2.43
C THR A 245 16.75 -32.18 1.01
N ALA A 246 16.46 -30.89 0.88
CA ALA A 246 16.63 -30.15 -0.36
C ALA A 246 17.02 -28.71 0.00
N ALA A 247 18.25 -28.54 0.48
CA ALA A 247 18.74 -27.25 0.95
C ALA A 247 19.06 -26.37 -0.24
N CYS A 248 19.17 -25.06 0.06
CA CYS A 248 19.43 -24.04 -0.94
C CYS A 248 20.12 -22.84 -0.31
N GLY A 249 20.96 -23.08 0.68
CA GLY A 249 21.69 -22.00 1.35
C GLY A 249 23.02 -21.65 0.67
N SER A 250 23.80 -20.78 1.31
CA SER A 250 25.09 -20.32 0.71
C SER A 250 26.27 -21.13 1.24
N ARG A 251 27.29 -21.26 0.41
CA ARG A 251 28.48 -22.06 0.79
C ARG A 251 29.16 -21.46 2.01
N ASP A 252 28.83 -20.23 2.38
CA ASP A 252 29.59 -19.65 3.49
C ASP A 252 28.82 -19.75 4.80
N ASP A 253 27.59 -20.27 4.75
CA ASP A 253 26.75 -20.41 5.93
C ASP A 253 26.82 -21.86 6.41
N LEU A 254 26.12 -22.19 7.51
CA LEU A 254 26.19 -23.50 8.12
C LEU A 254 25.33 -24.49 7.33
N GLY A 255 24.08 -24.13 7.06
CA GLY A 255 23.16 -25.04 6.40
C GLY A 255 22.51 -26.03 7.38
N PHE A 256 22.10 -27.21 6.88
CA PHE A 256 21.44 -28.22 7.73
C PHE A 256 22.47 -29.13 8.41
N VAL A 257 22.38 -29.23 9.73
CA VAL A 257 23.19 -30.16 10.51
C VAL A 257 22.27 -31.13 11.29
N PHE A 258 22.33 -32.40 11.01
CA PHE A 258 21.65 -33.42 11.82
C PHE A 258 22.65 -34.13 12.74
N ARG A 259 22.35 -34.12 14.04
CA ARG A 259 23.25 -34.73 15.04
C ARG A 259 22.49 -35.75 15.88
N ASN A 260 22.99 -36.99 16.00
CA ASN A 260 22.41 -37.99 16.87
C ASN A 260 20.92 -38.20 16.54
N CYS A 261 20.58 -38.22 15.25
CA CYS A 261 19.22 -38.39 14.79
C CYS A 261 19.08 -39.81 14.28
N THR A 262 17.85 -40.31 14.25
CA THR A 262 17.53 -41.56 13.58
C THR A 262 16.93 -41.22 12.21
N VAL A 263 17.52 -41.75 11.15
CA VAL A 263 17.16 -41.33 9.80
C VAL A 263 16.90 -42.57 8.98
N ARG A 264 15.71 -42.70 8.41
CA ARG A 264 15.40 -43.95 7.74
C ARG A 264 14.12 -43.85 6.91
N GLY A 265 13.90 -44.86 6.09
CA GLY A 265 12.60 -45.05 5.46
C GLY A 265 11.62 -45.68 6.43
N GLU A 266 10.35 -45.54 6.10
CA GLU A 266 9.26 -46.23 6.78
C GLU A 266 9.44 -47.73 6.51
N GLU A 267 8.97 -48.56 7.44
CA GLU A 267 8.93 -50.00 7.26
C GLU A 267 8.21 -50.29 5.94
N GLY A 268 8.90 -51.07 5.08
CA GLY A 268 8.39 -51.42 3.76
C GLY A 268 9.21 -50.80 2.62
N CYS A 269 9.87 -49.66 2.87
CA CYS A 269 10.71 -49.03 1.86
C CYS A 269 11.74 -50.02 1.34
N ILE A 270 11.87 -50.12 0.01
CA ILE A 270 12.85 -51.03 -0.56
C ILE A 270 14.25 -50.49 -0.25
N GLU A 271 15.23 -51.40 -0.24
CA GLU A 271 16.64 -51.06 -0.06
C GLU A 271 17.05 -49.92 -0.99
N GLY A 272 17.81 -48.97 -0.43
CA GLY A 272 18.61 -48.05 -1.20
C GLY A 272 17.75 -47.08 -2.01
N SER A 273 16.56 -46.74 -1.49
CA SER A 273 15.57 -45.97 -2.22
C SER A 273 15.33 -44.59 -1.60
N VAL A 274 16.09 -44.23 -0.56
CA VAL A 274 15.90 -42.98 0.16
C VAL A 274 17.21 -42.21 0.21
N PHE A 275 17.25 -41.01 -0.39
CA PHE A 275 18.45 -40.19 -0.34
C PHE A 275 18.42 -39.27 0.87
N LEU A 276 19.62 -38.98 1.38
CA LEU A 276 19.79 -38.03 2.46
C LEU A 276 19.53 -36.59 1.97
N GLY A 277 19.71 -36.36 0.67
CA GLY A 277 19.44 -35.04 0.10
C GLY A 277 19.63 -34.96 -1.42
N ARG A 278 19.04 -33.93 -2.02
CA ARG A 278 19.44 -33.45 -3.32
C ARG A 278 19.49 -31.93 -3.26
N PRO A 279 20.41 -31.26 -3.98
CA PRO A 279 20.59 -29.82 -3.84
C PRO A 279 19.61 -28.95 -4.66
N TRP A 280 18.74 -28.27 -3.94
CA TRP A 280 17.71 -27.45 -4.55
C TRP A 280 18.37 -26.24 -5.23
N ARG A 281 19.43 -25.69 -4.60
CA ARG A 281 20.43 -24.88 -5.30
C ARG A 281 21.80 -25.49 -5.06
N ASP A 282 22.78 -25.02 -5.84
CA ASP A 282 24.03 -25.73 -6.09
C ASP A 282 25.03 -25.62 -4.94
N GLU A 283 24.78 -24.75 -3.97
CA GLU A 283 25.70 -24.64 -2.80
C GLU A 283 25.04 -25.25 -1.57
N ALA A 284 24.09 -26.15 -1.76
CA ALA A 284 23.42 -26.86 -0.68
C ALA A 284 24.43 -27.40 0.33
N ARG A 285 24.12 -27.27 1.62
CA ARG A 285 24.90 -27.84 2.70
C ARG A 285 23.99 -28.69 3.61
N THR A 286 24.34 -29.97 3.75
CA THR A 286 23.62 -30.88 4.64
C THR A 286 24.58 -31.98 5.13
N VAL A 287 24.75 -32.09 6.46
CA VAL A 287 25.62 -33.08 7.06
C VAL A 287 24.81 -33.87 8.09
N PHE A 288 25.14 -35.16 8.25
CA PHE A 288 24.60 -36.01 9.29
C PHE A 288 25.76 -36.44 10.17
N LEU A 289 25.74 -36.08 11.45
CA LEU A 289 26.84 -36.39 12.34
C LEU A 289 26.37 -37.38 13.41
N ASP A 290 27.01 -38.55 13.50
CA ASP A 290 26.71 -39.53 14.55
C ASP A 290 25.23 -39.92 14.51
N CYS A 291 24.68 -40.16 13.32
CA CYS A 291 23.29 -40.52 13.15
C CYS A 291 23.11 -42.05 13.03
N LYS A 292 21.91 -42.56 13.34
CA LYS A 292 21.61 -43.96 13.09
C LYS A 292 20.79 -44.05 11.82
N MET A 293 21.14 -45.00 10.94
CA MET A 293 20.41 -45.18 9.69
C MET A 293 20.27 -46.68 9.35
N ASP A 294 19.35 -47.00 8.42
CA ASP A 294 19.20 -48.36 7.95
C ASP A 294 19.53 -48.40 6.46
N ASN A 295 19.20 -49.52 5.81
CA ASN A 295 19.66 -49.79 4.45
C ASN A 295 18.60 -49.35 3.42
N SER A 296 17.55 -48.66 3.89
CA SER A 296 16.68 -47.93 3.00
C SER A 296 17.44 -46.74 2.42
N ILE A 297 18.49 -46.29 3.11
CA ILE A 297 19.26 -45.16 2.63
C ILE A 297 20.00 -45.59 1.37
N ALA A 298 19.96 -44.75 0.33
CA ALA A 298 20.53 -45.12 -0.96
C ALA A 298 22.05 -45.26 -0.84
N PRO A 299 22.65 -46.19 -1.63
CA PRO A 299 24.09 -46.37 -1.62
C PRO A 299 24.86 -45.10 -2.01
N GLU A 300 24.29 -44.30 -2.91
CA GLU A 300 24.93 -43.06 -3.34
C GLU A 300 24.89 -42.01 -2.22
N ARG A 301 23.93 -42.17 -1.29
CA ARG A 301 23.76 -41.33 -0.11
C ARG A 301 23.00 -40.05 -0.49
N PHE A 302 23.61 -39.23 -1.37
CA PHE A 302 22.95 -38.03 -1.86
C PHE A 302 22.78 -38.11 -3.38
N SER A 303 21.73 -37.45 -3.87
CA SER A 303 21.44 -37.39 -5.29
C SER A 303 21.93 -36.06 -5.82
N GLY A 304 22.26 -36.03 -7.12
CA GLY A 304 22.27 -34.77 -7.84
C GLY A 304 20.84 -34.26 -8.02
N TRP A 305 20.71 -33.00 -8.47
CA TRP A 305 19.43 -32.41 -8.81
C TRP A 305 19.04 -32.83 -10.23
N GLY A 306 17.93 -33.55 -10.38
CA GLY A 306 17.40 -33.89 -11.69
C GLY A 306 17.89 -35.24 -12.24
N ALA A 307 18.91 -35.80 -11.60
CA ALA A 307 19.42 -37.11 -11.92
C ALA A 307 20.41 -37.54 -10.82
N VAL A 308 20.45 -38.84 -10.56
CA VAL A 308 21.14 -39.36 -9.40
C VAL A 308 22.63 -39.03 -9.48
N ASP A 309 23.20 -39.23 -10.67
CA ASP A 309 24.64 -39.19 -10.85
C ASP A 309 25.07 -37.84 -11.45
N LYS A 310 24.26 -36.79 -11.29
CA LYS A 310 24.67 -35.45 -11.74
C LYS A 310 25.65 -34.86 -10.73
N ASP A 311 26.79 -34.33 -11.19
CA ASP A 311 27.84 -33.84 -10.30
C ASP A 311 27.36 -32.57 -9.64
N GLN A 312 27.68 -32.41 -8.35
CA GLN A 312 27.28 -31.24 -7.59
C GLN A 312 28.49 -30.78 -6.77
N PRO A 313 29.54 -30.26 -7.43
CA PRO A 313 30.80 -29.98 -6.75
C PRO A 313 30.82 -28.81 -5.77
N ASP A 314 29.72 -28.05 -5.67
CA ASP A 314 29.71 -26.87 -4.83
C ASP A 314 28.88 -27.11 -3.56
N THR A 315 28.26 -28.29 -3.47
CA THR A 315 27.60 -28.71 -2.25
C THR A 315 28.62 -29.09 -1.18
N TYR A 316 28.21 -29.04 0.08
CA TYR A 316 28.91 -29.68 1.17
C TYR A 316 27.94 -30.68 1.80
N TYR A 317 27.96 -31.90 1.26
CA TYR A 317 27.11 -33.01 1.63
C TYR A 317 28.00 -34.07 2.27
N GLY A 318 27.54 -34.71 3.36
CA GLY A 318 28.42 -35.64 4.05
C GLY A 318 27.79 -36.36 5.25
N GLU A 319 28.47 -37.42 5.71
CA GLU A 319 28.15 -38.20 6.90
C GLU A 319 29.40 -38.38 7.74
N TYR A 320 29.24 -38.36 9.05
CA TYR A 320 30.37 -38.67 9.94
C TYR A 320 29.94 -39.72 10.95
N ARG A 321 30.44 -40.96 10.87
CA ARG A 321 30.15 -41.99 11.90
C ARG A 321 28.68 -42.41 11.92
N SER A 322 28.07 -42.59 10.75
CA SER A 322 26.74 -43.15 10.69
C SER A 322 26.74 -44.61 11.18
N LEU A 323 25.80 -44.93 12.08
CA LEU A 323 25.75 -46.26 12.70
C LEU A 323 24.50 -46.98 12.21
N ASP A 324 24.56 -48.31 12.02
CA ASP A 324 23.33 -49.04 11.71
C ASP A 324 22.38 -48.97 12.91
N ILE A 325 21.09 -48.82 12.62
CA ILE A 325 20.07 -48.51 13.62
C ILE A 325 19.86 -49.70 14.55
N ILE A 326 20.04 -50.92 14.01
CA ILE A 326 19.74 -52.15 14.71
C ILE A 326 20.86 -52.49 15.68
N ASP A 327 22.12 -52.51 15.21
CA ASP A 327 23.22 -53.06 15.98
C ASP A 327 24.35 -52.08 16.26
N SER A 328 24.19 -50.81 15.85
CA SER A 328 25.19 -49.77 16.11
C SER A 328 26.54 -50.07 15.47
N SER A 329 26.58 -50.92 14.44
CA SER A 329 27.79 -51.16 13.66
C SER A 329 28.02 -50.00 12.67
N VAL A 330 29.27 -49.67 12.42
CA VAL A 330 29.66 -48.53 11.59
C VAL A 330 29.16 -48.80 10.17
N ILE A 331 28.54 -47.79 9.54
CA ILE A 331 28.17 -47.91 8.14
C ILE A 331 29.37 -47.49 7.29
N VAL A 332 29.62 -48.24 6.22
CA VAL A 332 30.58 -47.83 5.22
C VAL A 332 29.87 -47.75 3.88
N ALA A 333 29.96 -46.59 3.22
CA ALA A 333 29.48 -46.48 1.85
C ALA A 333 30.62 -45.99 0.98
N ASP A 334 31.21 -46.94 0.24
CA ASP A 334 32.26 -46.61 -0.71
C ASP A 334 31.66 -46.59 -2.11
N ALA A 335 30.32 -46.61 -2.20
CA ALA A 335 29.62 -46.37 -3.46
C ALA A 335 28.90 -45.01 -3.45
N LYS A 336 29.26 -44.13 -2.51
CA LYS A 336 28.62 -42.81 -2.45
C LYS A 336 28.96 -42.01 -3.71
N ASN A 337 28.16 -41.02 -4.07
CA ASN A 337 28.49 -40.15 -5.20
C ASN A 337 29.83 -39.44 -4.94
N ALA A 338 30.57 -39.21 -6.02
CA ALA A 338 31.92 -38.68 -5.88
C ALA A 338 31.92 -37.26 -5.29
N PHE A 339 30.82 -36.50 -5.43
CA PHE A 339 30.77 -35.15 -4.93
C PHE A 339 30.50 -35.09 -3.42
N VAL A 340 30.10 -36.21 -2.82
CA VAL A 340 29.85 -36.27 -1.39
C VAL A 340 31.18 -36.17 -0.68
N LYS A 341 31.24 -35.36 0.38
CA LYS A 341 32.51 -35.06 1.03
C LYS A 341 32.90 -36.14 2.02
N ASP A 342 34.20 -36.21 2.30
CA ASP A 342 34.77 -37.05 3.35
C ASP A 342 34.97 -36.16 4.57
N ILE A 343 34.11 -36.31 5.58
CA ILE A 343 34.22 -35.47 6.76
C ILE A 343 35.38 -35.96 7.61
N THR A 344 36.49 -35.23 7.58
CA THR A 344 37.64 -35.50 8.43
C THR A 344 37.30 -35.15 9.87
N GLU A 345 38.18 -35.51 10.78
CA GLU A 345 37.96 -35.18 12.21
C GLU A 345 37.99 -33.67 12.36
N LYS A 346 38.82 -33.00 11.56
CA LYS A 346 38.87 -31.55 11.58
C LYS A 346 37.55 -30.94 11.09
N ASP A 347 37.06 -31.37 9.92
CA ASP A 347 35.76 -30.93 9.45
C ASP A 347 34.67 -31.18 10.50
N TYR A 348 34.72 -32.34 11.18
CA TYR A 348 33.70 -32.71 12.13
C TYR A 348 33.67 -31.75 13.33
N LYS A 349 34.85 -31.41 13.86
CA LYS A 349 34.92 -30.47 14.98
C LYS A 349 34.41 -29.10 14.55
N ASN A 350 34.65 -28.73 13.29
CA ASN A 350 34.19 -27.43 12.78
C ASN A 350 32.67 -27.41 12.75
N LEU A 351 32.08 -28.42 12.12
CA LEU A 351 30.63 -28.53 12.00
C LEU A 351 29.99 -28.62 13.39
N SER A 352 30.66 -29.29 14.33
CA SER A 352 30.10 -29.44 15.66
C SER A 352 30.13 -28.12 16.39
N ASP A 353 31.25 -27.41 16.29
CA ASP A 353 31.41 -26.11 16.92
C ASP A 353 30.39 -25.14 16.36
N ARG A 354 30.11 -25.20 15.05
CA ARG A 354 29.22 -24.22 14.41
C ARG A 354 27.79 -24.53 14.79
N ALA A 355 27.43 -25.82 14.79
CA ALA A 355 26.12 -26.24 15.28
C ALA A 355 25.95 -25.83 16.73
N ASP A 356 27.01 -25.98 17.53
CA ASP A 356 26.98 -25.56 18.92
C ASP A 356 26.71 -24.06 19.05
N GLU A 357 27.33 -23.21 18.20
CA GLU A 357 27.16 -21.77 18.35
C GLU A 357 25.76 -21.36 17.89
N LEU A 358 25.19 -22.02 16.88
CA LEU A 358 23.81 -21.74 16.51
C LEU A 358 22.84 -22.13 17.64
N LYS A 359 23.07 -23.28 18.29
CA LYS A 359 22.25 -23.69 19.41
C LYS A 359 22.28 -22.65 20.53
N LYS A 360 23.44 -22.09 20.84
CA LYS A 360 23.56 -21.07 21.87
C LYS A 360 22.72 -19.83 21.47
N LYS A 361 22.92 -19.36 20.23
CA LYS A 361 22.22 -18.20 19.71
C LYS A 361 20.71 -18.37 19.87
N VAL A 362 20.20 -19.58 19.60
CA VAL A 362 18.77 -19.85 19.61
C VAL A 362 18.26 -19.96 21.05
N THR A 363 18.96 -20.66 21.92
CA THR A 363 18.45 -20.95 23.26
C THR A 363 18.86 -19.88 24.26
N GLU A 364 19.91 -19.11 23.94
CA GLU A 364 20.49 -18.13 24.85
C GLU A 364 19.40 -17.22 25.45
N ARG B 28 11.65 3.88 -0.08
CA ARG B 28 11.89 3.54 1.35
C ARG B 28 10.59 3.06 2.02
N MET B 29 9.55 2.79 1.21
CA MET B 29 8.31 2.27 1.75
C MET B 29 8.05 0.88 1.14
N PHE B 30 7.59 -0.06 1.95
CA PHE B 30 7.28 -1.39 1.48
C PHE B 30 5.93 -1.36 0.76
N GLU B 31 5.89 -1.69 -0.52
CA GLU B 31 4.69 -1.50 -1.32
C GLU B 31 4.14 -2.83 -1.81
N VAL B 32 2.82 -3.01 -1.72
CA VAL B 32 2.15 -4.18 -2.25
C VAL B 32 0.97 -3.75 -3.10
N HIS B 33 0.81 -4.34 -4.27
CA HIS B 33 -0.33 -4.03 -5.11
C HIS B 33 -1.29 -5.21 -5.09
N VAL B 34 -2.53 -4.96 -4.65
CA VAL B 34 -3.61 -5.92 -4.76
C VAL B 34 -4.47 -5.57 -5.97
N LYS B 35 -4.70 -6.53 -6.87
CA LYS B 35 -5.64 -6.39 -7.95
C LYS B 35 -6.36 -7.69 -8.27
N LYS B 36 -7.51 -7.58 -8.91
CA LYS B 36 -8.21 -8.76 -9.37
C LYS B 36 -7.38 -9.45 -10.44
N GLU B 37 -6.61 -8.66 -11.20
CA GLU B 37 -5.71 -9.19 -12.23
C GLU B 37 -4.38 -8.44 -12.22
N ASN B 38 -3.28 -9.18 -12.40
CA ASN B 38 -1.94 -8.63 -12.57
C ASN B 38 -1.46 -7.87 -11.34
N GLY B 39 -1.93 -8.24 -10.16
CA GLY B 39 -1.44 -7.65 -8.93
C GLY B 39 -0.29 -8.48 -8.36
N ASP B 40 0.29 -8.03 -7.26
CA ASP B 40 1.19 -8.87 -6.49
C ASP B 40 0.34 -10.00 -5.90
N TYR B 41 -0.84 -9.65 -5.40
CA TYR B 41 -1.80 -10.60 -4.88
C TYR B 41 -3.20 -10.20 -5.34
N SER B 42 -4.17 -11.10 -5.27
CA SER B 42 -5.55 -10.83 -5.64
C SER B 42 -6.42 -10.68 -4.40
N THR B 43 -5.85 -10.86 -3.19
CA THR B 43 -6.58 -10.64 -1.95
C THR B 43 -5.84 -9.67 -1.05
N ILE B 44 -6.59 -8.94 -0.22
CA ILE B 44 -6.00 -7.99 0.71
C ILE B 44 -5.30 -8.76 1.83
N THR B 45 -5.93 -9.85 2.26
CA THR B 45 -5.39 -10.71 3.31
C THR B 45 -3.96 -11.10 2.98
N GLU B 46 -3.71 -11.55 1.76
CA GLU B 46 -2.38 -11.96 1.39
C GLU B 46 -1.43 -10.75 1.41
N ALA B 47 -1.93 -9.56 1.08
CA ALA B 47 -1.07 -8.40 1.07
C ALA B 47 -0.65 -8.07 2.51
N ILE B 48 -1.63 -8.14 3.43
CA ILE B 48 -1.37 -7.88 4.83
C ILE B 48 -0.29 -8.82 5.36
N GLN B 49 -0.34 -10.09 4.93
CA GLN B 49 0.58 -11.10 5.41
C GLN B 49 1.98 -10.77 4.96
N ALA B 50 2.05 -10.17 3.78
CA ALA B 50 3.32 -9.84 3.15
C ALA B 50 4.03 -8.75 3.94
N VAL B 51 3.28 -7.91 4.63
CA VAL B 51 3.91 -6.73 5.21
C VAL B 51 4.56 -7.13 6.52
N PRO B 52 5.86 -6.91 6.72
CA PRO B 52 6.46 -7.06 8.04
C PRO B 52 5.93 -5.98 8.97
N TYR B 53 5.43 -6.40 10.14
CA TYR B 53 4.98 -5.50 11.18
C TYR B 53 5.85 -4.26 11.31
N GLU B 54 7.17 -4.38 11.27
CA GLU B 54 8.03 -3.30 11.73
C GLU B 54 8.30 -2.27 10.62
N GLU B 55 7.88 -2.57 9.39
CA GLU B 55 8.25 -1.77 8.24
C GLU B 55 7.08 -0.92 7.77
N LYS B 56 7.31 0.39 7.67
CA LYS B 56 6.36 1.31 7.05
C LYS B 56 5.97 0.76 5.69
N ALA B 57 4.67 0.61 5.45
CA ALA B 57 4.20 -0.05 4.26
C ALA B 57 2.98 0.66 3.70
N ILE B 58 2.65 0.30 2.47
CA ILE B 58 1.43 0.75 1.84
C ILE B 58 0.92 -0.36 0.95
N ILE B 59 -0.39 -0.59 1.02
CA ILE B 59 -1.08 -1.54 0.17
C ILE B 59 -2.04 -0.80 -0.75
N TYR B 60 -1.77 -0.82 -2.05
CA TYR B 60 -2.67 -0.26 -3.05
C TYR B 60 -3.68 -1.32 -3.45
N ILE B 61 -4.96 -0.94 -3.49
CA ILE B 61 -5.98 -1.92 -3.83
C ILE B 61 -6.77 -1.43 -5.02
N GLY B 62 -6.74 -2.20 -6.11
CA GLY B 62 -7.47 -1.87 -7.32
C GLY B 62 -8.97 -2.08 -7.20
N GLU B 63 -9.69 -1.59 -8.21
CA GLU B 63 -11.13 -1.73 -8.38
C GLU B 63 -11.54 -3.18 -8.16
N GLY B 64 -12.66 -3.34 -7.45
CA GLY B 64 -13.29 -4.64 -7.27
C GLY B 64 -13.96 -4.76 -5.91
N THR B 65 -14.70 -5.87 -5.74
CA THR B 65 -15.33 -6.22 -4.48
C THR B 65 -14.52 -7.38 -3.90
N TYR B 66 -13.96 -7.16 -2.71
CA TYR B 66 -13.16 -8.15 -2.02
C TYR B 66 -13.95 -8.68 -0.83
N HIS B 67 -14.45 -9.92 -0.96
CA HIS B 67 -15.26 -10.56 0.08
C HIS B 67 -14.33 -11.26 1.04
N GLU B 68 -13.91 -10.56 2.11
CA GLU B 68 -12.88 -11.03 3.01
C GLU B 68 -13.11 -10.42 4.38
N LYS B 69 -12.65 -11.12 5.41
CA LYS B 69 -12.61 -10.65 6.77
C LYS B 69 -11.17 -10.33 7.10
N LEU B 70 -10.87 -9.07 7.39
CA LEU B 70 -9.48 -8.66 7.51
C LEU B 70 -9.08 -8.54 8.96
N PHE B 71 -7.86 -8.97 9.25
CA PHE B 71 -7.24 -8.73 10.54
C PHE B 71 -5.86 -8.16 10.26
N CYS B 72 -5.66 -6.90 10.62
CA CYS B 72 -4.42 -6.21 10.38
C CYS B 72 -3.85 -5.68 11.70
N GLU B 73 -2.61 -6.01 12.00
CA GLU B 73 -1.89 -5.48 13.14
C GLU B 73 -0.48 -5.12 12.67
N LYS B 74 -0.15 -3.83 12.55
CA LYS B 74 1.12 -3.42 11.98
C LYS B 74 1.63 -2.17 12.66
N SER B 75 2.91 -1.88 12.49
CA SER B 75 3.48 -0.67 13.07
C SER B 75 2.98 0.58 12.35
N ASP B 76 2.97 0.53 11.01
CA ASP B 76 2.71 1.71 10.21
C ASP B 76 2.29 1.29 8.80
N ILE B 77 0.98 1.17 8.58
CA ILE B 77 0.55 0.74 7.27
C ILE B 77 -0.54 1.66 6.74
N THR B 78 -0.58 1.79 5.41
CA THR B 78 -1.56 2.58 4.69
C THR B 78 -2.28 1.69 3.68
N PHE B 79 -3.61 1.73 3.67
CA PHE B 79 -4.38 1.12 2.59
C PHE B 79 -4.98 2.22 1.71
N VAL B 80 -4.83 2.09 0.39
CA VAL B 80 -5.35 3.05 -0.56
C VAL B 80 -6.14 2.27 -1.61
N GLY B 81 -7.47 2.39 -1.61
CA GLY B 81 -8.31 1.80 -2.66
C GLY B 81 -8.45 2.73 -3.87
N ALA B 82 -9.27 2.33 -4.85
CA ALA B 82 -9.48 3.07 -6.09
C ALA B 82 -10.59 4.10 -5.95
N GLY B 83 -11.16 4.20 -4.73
CA GLY B 83 -12.19 5.19 -4.45
C GLY B 83 -13.43 4.54 -3.85
N ILE B 84 -14.27 5.37 -3.25
CA ILE B 84 -15.51 4.93 -2.67
C ILE B 84 -16.36 4.21 -3.70
N ASP B 85 -16.81 2.99 -3.36
CA ASP B 85 -17.68 2.17 -4.19
C ASP B 85 -17.02 1.75 -5.51
N LYS B 86 -15.68 1.88 -5.58
CA LYS B 86 -14.87 1.32 -6.65
C LYS B 86 -14.04 0.16 -6.09
N THR B 87 -13.37 0.41 -4.96
CA THR B 87 -12.79 -0.64 -4.13
C THR B 87 -13.70 -0.88 -2.93
N ILE B 88 -14.21 -2.11 -2.80
CA ILE B 88 -15.20 -2.42 -1.78
C ILE B 88 -14.72 -3.65 -1.01
N ILE B 89 -14.54 -3.51 0.31
CA ILE B 89 -14.26 -4.63 1.19
C ILE B 89 -15.54 -5.00 1.94
N GLU B 90 -16.06 -6.21 1.72
CA GLU B 90 -17.32 -6.60 2.35
C GLU B 90 -17.23 -7.98 3.02
N TYR B 91 -17.95 -8.15 4.13
CA TYR B 91 -18.16 -9.45 4.77
C TYR B 91 -19.47 -9.38 5.54
N ASP B 92 -20.00 -10.53 6.01
CA ASP B 92 -21.35 -10.61 6.54
C ASP B 92 -21.47 -11.45 7.79
N ASP B 93 -20.59 -11.25 8.75
CA ASP B 93 -20.68 -11.86 10.06
C ASP B 93 -21.54 -10.97 10.96
N GLY B 94 -22.45 -11.60 11.73
CA GLY B 94 -23.26 -10.89 12.71
C GLY B 94 -23.12 -11.52 14.11
N ALA B 95 -23.30 -10.71 15.14
CA ALA B 95 -23.12 -11.12 16.53
C ALA B 95 -23.96 -12.36 16.86
N PHE B 96 -25.12 -12.53 16.22
CA PHE B 96 -26.04 -13.60 16.61
C PHE B 96 -25.65 -14.91 15.93
N ASP B 97 -24.64 -14.89 15.05
CA ASP B 97 -24.17 -16.10 14.40
C ASP B 97 -23.70 -17.13 15.45
N GLN B 98 -23.86 -18.43 15.13
CA GLN B 98 -23.41 -19.49 16.02
C GLN B 98 -22.03 -19.97 15.57
N MET B 99 -21.12 -20.08 16.55
CA MET B 99 -19.80 -20.62 16.30
C MET B 99 -19.84 -22.12 16.54
N GLU B 100 -18.81 -22.81 16.02
CA GLU B 100 -18.69 -24.25 16.17
C GLU B 100 -18.73 -24.67 17.64
N ASP B 101 -18.04 -23.94 18.52
CA ASP B 101 -17.91 -24.33 19.91
C ASP B 101 -19.21 -24.09 20.66
N GLY B 102 -20.22 -23.52 19.98
CA GLY B 102 -21.53 -23.31 20.58
C GLY B 102 -21.75 -21.86 21.02
N SER B 103 -20.69 -21.06 21.07
CA SER B 103 -20.81 -19.70 21.54
C SER B 103 -21.50 -18.86 20.46
N LYS B 104 -22.03 -17.71 20.87
CA LYS B 104 -22.44 -16.69 19.91
C LYS B 104 -21.21 -15.89 19.54
N MET B 105 -21.14 -15.53 18.26
CA MET B 105 -20.02 -14.77 17.72
C MET B 105 -19.78 -13.50 18.53
N GLY B 106 -20.86 -12.76 18.83
CA GLY B 106 -20.79 -11.54 19.62
C GLY B 106 -20.35 -10.33 18.79
N THR B 107 -20.56 -9.15 19.35
CA THR B 107 -20.28 -7.89 18.71
C THR B 107 -18.86 -7.86 18.15
N PHE B 108 -17.89 -8.12 19.02
CA PHE B 108 -16.51 -7.75 18.76
C PHE B 108 -15.79 -8.81 17.96
N ARG B 109 -16.52 -9.81 17.46
CA ARG B 109 -15.98 -10.73 16.49
C ARG B 109 -16.66 -10.60 15.13
N SER B 110 -17.60 -9.66 14.99
CA SER B 110 -18.40 -9.56 13.77
C SER B 110 -17.72 -8.75 12.65
N TYR B 111 -16.58 -8.12 12.94
CA TYR B 111 -15.99 -7.07 12.11
C TYR B 111 -15.70 -7.57 10.71
N THR B 112 -15.99 -6.73 9.70
CA THR B 112 -15.45 -6.97 8.36
C THR B 112 -13.95 -6.69 8.33
N ALA B 113 -13.49 -5.69 9.09
CA ALA B 113 -12.07 -5.39 9.12
C ALA B 113 -11.63 -4.90 10.48
N PHE B 114 -10.53 -5.48 10.98
CA PHE B 114 -9.91 -5.03 12.21
C PHE B 114 -8.61 -4.30 11.87
N PHE B 115 -8.45 -3.06 12.34
CA PHE B 115 -7.24 -2.32 12.11
C PHE B 115 -6.60 -2.00 13.46
N GLY B 116 -5.51 -2.72 13.76
CA GLY B 116 -4.81 -2.54 15.01
C GLY B 116 -3.33 -2.29 14.78
N GLY B 117 -2.58 -2.15 15.89
CA GLY B 117 -1.17 -1.85 15.84
C GLY B 117 -0.94 -0.41 16.27
N LYS B 118 0.14 0.22 15.77
CA LYS B 118 0.47 1.58 16.19
C LYS B 118 -0.22 2.60 15.27
N ARG B 119 -0.02 2.54 13.95
CA ARG B 119 -0.54 3.60 13.08
C ARG B 119 -1.15 2.96 11.84
N VAL B 120 -2.40 3.28 11.55
CA VAL B 120 -3.03 2.76 10.36
C VAL B 120 -3.69 3.91 9.61
N THR B 121 -3.63 3.89 8.28
CA THR B 121 -4.27 4.86 7.45
C THR B 121 -5.08 4.11 6.41
N VAL B 122 -6.33 4.53 6.20
CA VAL B 122 -7.17 3.92 5.18
C VAL B 122 -7.81 5.01 4.33
N ARG B 123 -7.80 4.83 3.00
CA ARG B 123 -8.23 5.86 2.04
C ARG B 123 -9.00 5.24 0.89
N ASN B 124 -10.04 5.94 0.44
CA ASN B 124 -10.54 5.76 -0.92
C ASN B 124 -11.11 4.36 -1.10
N MET B 125 -12.10 4.01 -0.27
CA MET B 125 -12.74 2.70 -0.40
C MET B 125 -14.03 2.67 0.42
N THR B 126 -14.82 1.65 0.13
CA THR B 126 -15.98 1.27 0.95
C THR B 126 -15.61 0.03 1.76
N ILE B 127 -15.97 0.04 3.05
CA ILE B 127 -15.91 -1.15 3.88
C ILE B 127 -17.29 -1.41 4.43
N ALA B 128 -17.84 -2.60 4.16
CA ALA B 128 -19.24 -2.87 4.46
C ALA B 128 -19.38 -4.14 5.31
N ASN B 129 -20.35 -4.09 6.24
CA ASN B 129 -20.92 -5.29 6.82
C ASN B 129 -22.33 -5.49 6.26
N THR B 130 -22.49 -6.53 5.43
CA THR B 130 -23.72 -6.72 4.68
C THR B 130 -24.65 -7.77 5.31
N VAL B 131 -24.50 -8.05 6.62
CA VAL B 131 -25.28 -9.13 7.22
C VAL B 131 -26.76 -8.73 7.30
N GLY B 132 -27.03 -7.48 7.67
CA GLY B 132 -28.38 -6.96 7.74
C GLY B 132 -28.72 -6.32 9.08
N ASP B 133 -30.03 -6.11 9.27
CA ASP B 133 -30.60 -5.46 10.44
C ASP B 133 -30.28 -6.23 11.71
N GLY B 134 -30.09 -5.47 12.79
CA GLY B 134 -29.66 -5.99 14.09
C GLY B 134 -30.72 -6.83 14.79
N SER B 135 -31.97 -6.71 14.36
CA SER B 135 -33.04 -7.41 15.05
C SER B 135 -32.91 -8.91 14.76
N LEU B 136 -32.40 -9.26 13.58
CA LEU B 136 -32.25 -10.65 13.18
C LEU B 136 -30.80 -11.11 13.27
N HIS B 137 -29.82 -10.21 13.11
CA HIS B 137 -28.43 -10.61 13.00
C HIS B 137 -27.59 -10.06 14.16
N GLY B 138 -28.17 -9.26 15.04
CA GLY B 138 -27.38 -8.64 16.11
C GLY B 138 -26.44 -7.55 15.60
N GLN B 139 -25.60 -7.03 16.50
CA GLN B 139 -24.54 -6.09 16.15
C GLN B 139 -23.64 -6.66 15.06
N ALA B 140 -23.12 -5.81 14.17
CA ALA B 140 -22.30 -6.25 13.06
C ALA B 140 -21.40 -5.11 12.56
N LEU B 141 -20.14 -5.11 13.02
CA LEU B 141 -19.20 -4.04 12.68
C LEU B 141 -18.78 -4.15 11.24
N ALA B 142 -18.65 -3.02 10.55
CA ALA B 142 -17.86 -2.91 9.33
C ALA B 142 -16.40 -2.77 9.73
N VAL B 143 -16.13 -1.90 10.72
CA VAL B 143 -14.76 -1.59 11.03
C VAL B 143 -14.56 -1.63 12.54
N TYR B 144 -13.48 -2.28 12.95
CA TYR B 144 -13.02 -2.31 14.35
C TYR B 144 -11.72 -1.53 14.30
N ALA B 145 -11.74 -0.29 14.77
CA ALA B 145 -10.59 0.60 14.68
C ALA B 145 -9.86 0.60 16.01
N ASP B 146 -8.72 -0.12 16.06
CA ASP B 146 -8.11 -0.45 17.35
C ASP B 146 -6.73 0.16 17.47
N ALA B 147 -6.13 0.61 16.35
CA ALA B 147 -4.74 1.07 16.39
C ALA B 147 -4.59 2.30 17.27
N ASN B 148 -3.40 2.53 17.79
CA ASN B 148 -3.17 3.70 18.63
C ASN B 148 -3.57 4.99 17.92
N ILE B 149 -3.29 5.05 16.61
CA ILE B 149 -3.59 6.17 15.76
C ILE B 149 -4.19 5.66 14.47
N CYS B 150 -5.42 6.09 14.18
CA CYS B 150 -6.13 5.71 12.96
C CYS B 150 -6.47 6.96 12.16
N PHE B 151 -6.33 6.89 10.85
CA PHE B 151 -6.66 8.00 9.96
C PHE B 151 -7.40 7.44 8.76
N PHE B 152 -8.69 7.77 8.66
CA PHE B 152 -9.52 7.38 7.55
C PHE B 152 -9.83 8.62 6.71
N GLU B 153 -9.67 8.50 5.40
CA GLU B 153 -9.94 9.62 4.51
C GLU B 153 -10.65 9.06 3.27
N ASN B 154 -11.79 9.65 2.92
N ASN B 154 -11.79 9.65 2.92
CA ASN B 154 -12.55 9.28 1.74
CA ASN B 154 -12.54 9.28 1.73
C ASN B 154 -12.88 7.80 1.83
C ASN B 154 -12.88 7.80 1.83
N VAL B 155 -13.37 7.40 3.00
CA VAL B 155 -13.77 6.02 3.21
C VAL B 155 -15.26 6.02 3.50
N LYS B 156 -15.95 5.06 2.89
CA LYS B 156 -17.36 4.82 3.17
C LYS B 156 -17.50 3.52 3.98
N MET B 157 -18.29 3.57 5.04
CA MET B 157 -18.50 2.42 5.90
C MET B 157 -19.98 2.22 6.08
N THR B 158 -20.48 1.04 5.74
CA THR B 158 -21.90 0.80 5.81
C THR B 158 -22.18 -0.36 6.73
N GLY B 159 -23.27 -0.22 7.49
CA GLY B 159 -23.85 -1.35 8.21
C GLY B 159 -25.21 -0.97 8.78
N HIS B 160 -25.68 -1.76 9.75
CA HIS B 160 -26.90 -1.52 10.51
C HIS B 160 -26.50 -1.19 11.94
N GLN B 161 -26.46 -2.20 12.82
CA GLN B 161 -26.14 -1.97 14.21
C GLN B 161 -24.63 -2.04 14.39
N ASP B 162 -24.04 -1.04 15.06
CA ASP B 162 -22.63 -1.04 15.46
C ASP B 162 -21.66 -1.00 14.26
N THR B 163 -21.93 -0.18 13.24
CA THR B 163 -21.12 -0.10 12.04
C THR B 163 -19.64 0.15 12.35
N LEU B 164 -19.33 1.15 13.18
CA LEU B 164 -17.94 1.53 13.41
C LEU B 164 -17.67 1.54 14.90
N PHE B 165 -16.69 0.74 15.32
CA PHE B 165 -16.23 0.71 16.69
C PHE B 165 -14.89 1.46 16.78
N CYS B 166 -14.81 2.49 17.60
CA CYS B 166 -13.58 3.22 17.80
C CYS B 166 -13.09 2.93 19.20
N ALA B 167 -12.08 2.06 19.26
CA ALA B 167 -11.59 1.54 20.54
C ALA B 167 -10.95 2.66 21.34
N PRO B 168 -10.96 2.64 22.68
CA PRO B 168 -11.14 1.40 23.42
C PRO B 168 -12.51 0.96 23.94
N LEU B 169 -12.62 -0.31 24.33
CA LEU B 169 -13.78 -0.84 25.01
C LEU B 169 -13.96 -0.12 26.34
N PRO B 170 -15.18 -0.14 26.90
CA PRO B 170 -15.40 0.32 28.25
C PRO B 170 -14.53 -0.46 29.22
N LEU B 171 -14.41 0.04 30.46
CA LEU B 171 -13.53 -0.60 31.43
C LEU B 171 -14.02 -2.01 31.74
N THR B 172 -15.33 -2.17 31.98
CA THR B 172 -15.88 -3.44 32.41
C THR B 172 -17.15 -3.78 31.62
N GLU B 173 -17.37 -5.09 31.50
CA GLU B 173 -18.54 -5.59 30.76
C GLU B 173 -19.78 -5.54 31.63
N ARG B 174 -20.94 -5.50 31.01
CA ARG B 174 -22.22 -5.61 31.68
C ARG B 174 -22.84 -6.98 31.42
N GLN B 175 -22.52 -7.59 30.27
CA GLN B 175 -22.90 -8.96 29.97
C GLN B 175 -21.62 -9.80 29.95
N LYS B 176 -21.67 -11.03 30.49
CA LYS B 176 -20.53 -11.93 30.47
C LYS B 176 -20.19 -12.23 29.01
N ASN B 177 -18.91 -12.07 28.64
CA ASN B 177 -18.41 -12.32 27.28
C ASN B 177 -18.91 -11.30 26.27
N GLY B 178 -19.33 -10.14 26.76
CA GLY B 178 -19.82 -9.09 25.90
C GLY B 178 -18.70 -8.53 25.04
N PHE B 179 -17.43 -8.67 25.51
CA PHE B 179 -16.31 -8.11 24.77
C PHE B 179 -15.49 -9.19 24.07
N MET B 180 -15.95 -10.45 24.12
CA MET B 180 -15.34 -11.54 23.37
C MET B 180 -14.92 -11.04 22.00
N GLY B 181 -13.65 -11.26 21.69
CA GLY B 181 -13.01 -10.79 20.48
C GLY B 181 -11.51 -10.69 20.67
N PRO B 182 -10.79 -10.02 19.76
CA PRO B 182 -9.33 -9.97 19.83
C PRO B 182 -8.69 -9.10 20.89
N ARG B 183 -9.47 -8.33 21.66
CA ARG B 183 -8.86 -7.47 22.65
C ARG B 183 -9.49 -7.68 24.02
N VAL B 184 -10.22 -8.80 24.19
CA VAL B 184 -10.93 -9.02 25.44
C VAL B 184 -9.93 -9.17 26.58
N LEU B 185 -8.75 -9.72 26.30
CA LEU B 185 -7.73 -9.97 27.32
C LEU B 185 -6.78 -8.78 27.49
N ASN B 186 -6.86 -7.82 26.56
CA ASN B 186 -5.80 -6.83 26.39
C ASN B 186 -6.12 -5.62 27.27
N PRO B 187 -5.15 -4.73 27.55
CA PRO B 187 -5.47 -3.49 28.26
C PRO B 187 -6.37 -2.61 27.40
N ARG B 188 -6.94 -1.60 28.06
CA ARG B 188 -7.73 -0.56 27.44
C ARG B 188 -6.80 0.55 26.95
N LYS B 189 -6.24 0.40 25.75
CA LYS B 189 -5.36 1.40 25.22
C LYS B 189 -6.23 2.54 24.67
N LYS B 190 -5.92 3.77 25.08
CA LYS B 190 -6.53 4.97 24.52
C LYS B 190 -6.04 5.10 23.07
N THR B 191 -6.92 5.58 22.19
CA THR B 191 -6.57 5.80 20.80
C THR B 191 -6.94 7.22 20.36
N ALA B 192 -6.34 7.64 19.23
CA ALA B 192 -6.60 8.92 18.60
C ALA B 192 -6.95 8.67 17.13
N GLN B 193 -8.16 9.04 16.73
CA GLN B 193 -8.63 8.71 15.39
C GLN B 193 -9.15 9.96 14.66
N LEU B 194 -8.92 10.01 13.35
CA LEU B 194 -9.38 11.12 12.55
C LEU B 194 -10.11 10.54 11.34
N TYR B 195 -11.31 11.06 11.07
CA TYR B 195 -12.11 10.71 9.92
C TYR B 195 -12.35 12.00 9.13
N ARG B 196 -11.95 12.01 7.85
CA ARG B 196 -12.06 13.18 7.01
C ARG B 196 -12.74 12.77 5.71
N ASN B 197 -13.86 13.42 5.38
CA ASN B 197 -14.53 13.22 4.10
C ASN B 197 -15.04 11.80 3.98
N CYS B 198 -15.44 11.20 5.10
CA CYS B 198 -15.94 9.83 5.12
C CYS B 198 -17.46 9.86 5.04
N GLU B 199 -18.06 8.75 4.59
CA GLU B 199 -19.49 8.55 4.67
C GLU B 199 -19.76 7.36 5.57
N ILE B 200 -20.63 7.51 6.57
CA ILE B 200 -20.82 6.48 7.57
C ILE B 200 -22.31 6.19 7.71
N TYR B 201 -22.71 4.95 7.53
CA TYR B 201 -24.13 4.59 7.49
C TYR B 201 -24.39 3.50 8.51
N GLY B 202 -25.51 3.61 9.21
CA GLY B 202 -25.91 2.61 10.20
C GLY B 202 -27.23 3.04 10.81
N ASP B 203 -27.59 2.47 11.96
CA ASP B 203 -28.82 2.91 12.66
C ASP B 203 -28.56 2.94 14.16
N VAL B 204 -28.44 1.78 14.78
CA VAL B 204 -28.31 1.72 16.27
C VAL B 204 -26.85 1.77 16.68
N ASP B 205 -26.49 2.80 17.44
CA ASP B 205 -25.14 2.90 18.00
C ASP B 205 -24.06 2.68 16.94
N PHE B 206 -24.15 3.37 15.78
CA PHE B 206 -23.37 2.91 14.64
C PHE B 206 -22.02 3.61 14.59
N ILE B 207 -21.78 4.56 15.50
CA ILE B 207 -20.42 5.00 15.77
C ILE B 207 -20.25 4.95 17.28
N PHE B 208 -19.44 4.02 17.81
CA PHE B 208 -19.40 3.81 19.25
C PHE B 208 -18.01 3.43 19.72
N GLY B 209 -17.78 3.60 21.02
CA GLY B 209 -16.51 3.26 21.67
C GLY B 209 -15.89 4.45 22.37
N GLY B 210 -14.64 4.30 22.84
CA GLY B 210 -14.05 5.17 23.84
C GLY B 210 -12.87 5.96 23.29
N ALA B 211 -12.74 5.98 21.96
CA ALA B 211 -11.68 6.75 21.32
C ALA B 211 -11.84 8.25 21.56
N ASP B 212 -10.71 8.95 21.47
CA ASP B 212 -10.71 10.34 21.04
C ASP B 212 -10.77 10.34 19.53
N ALA B 213 -11.87 10.85 18.95
CA ALA B 213 -12.11 10.73 17.51
C ALA B 213 -12.71 12.03 16.97
N VAL B 214 -12.08 12.57 15.92
CA VAL B 214 -12.61 13.73 15.24
C VAL B 214 -13.13 13.33 13.86
N PHE B 215 -14.39 13.65 13.59
CA PHE B 215 -14.95 13.46 12.28
C PHE B 215 -15.07 14.83 11.58
N GLU B 216 -14.41 15.00 10.43
CA GLU B 216 -14.41 16.27 9.71
C GLU B 216 -15.04 16.13 8.32
N ASP B 217 -16.01 16.97 8.02
CA ASP B 217 -16.57 17.07 6.66
C ASP B 217 -17.09 15.71 6.24
N CYS B 218 -17.72 15.01 7.17
CA CYS B 218 -18.24 13.68 6.92
C CYS B 218 -19.74 13.75 6.64
N LEU B 219 -20.26 12.78 5.91
CA LEU B 219 -21.69 12.55 5.81
C LEU B 219 -22.05 11.36 6.71
N ILE B 220 -22.99 11.56 7.63
CA ILE B 220 -23.38 10.58 8.62
C ILE B 220 -24.89 10.36 8.52
N VAL B 221 -25.31 9.14 8.21
CA VAL B 221 -26.69 8.91 7.86
C VAL B 221 -27.23 7.71 8.65
N CYS B 222 -28.29 7.93 9.43
CA CYS B 222 -29.01 6.85 10.08
C CYS B 222 -29.98 6.17 9.10
N ASN B 223 -29.86 4.84 8.96
CA ASN B 223 -30.77 4.10 8.11
C ASN B 223 -32.20 4.25 8.63
N ASN B 224 -33.14 4.05 7.70
CA ASN B 224 -34.56 3.97 8.01
C ASN B 224 -34.85 2.54 8.49
N ARG B 225 -34.55 2.30 9.78
CA ARG B 225 -34.80 1.02 10.43
C ARG B 225 -36.24 0.57 10.21
N GLN B 226 -37.17 1.51 10.14
CA GLN B 226 -38.57 1.18 10.19
C GLN B 226 -38.93 0.32 8.98
N LYS B 227 -38.22 0.47 7.84
CA LYS B 227 -38.55 -0.27 6.64
C LYS B 227 -37.83 -1.62 6.59
N ASN B 228 -36.77 -1.79 7.40
CA ASN B 228 -35.89 -2.95 7.34
C ASN B 228 -36.31 -4.01 8.36
N VAL B 229 -36.86 -3.60 9.51
CA VAL B 229 -37.38 -4.56 10.46
C VAL B 229 -38.71 -5.04 9.87
N ALA B 230 -39.02 -6.34 9.99
CA ALA B 230 -40.26 -6.87 9.44
C ALA B 230 -41.47 -6.27 10.17
N ALA B 231 -42.39 -5.70 9.38
CA ALA B 231 -43.53 -4.95 9.91
C ALA B 231 -43.10 -3.90 10.94
N GLY B 232 -41.94 -3.26 10.73
CA GLY B 232 -41.55 -2.09 11.50
C GLY B 232 -42.59 -0.96 11.46
N GLU B 233 -43.36 -0.88 10.36
CA GLU B 233 -44.31 0.21 10.14
C GLU B 233 -45.56 -0.03 10.96
N SER B 234 -45.75 -1.26 11.44
CA SER B 234 -47.00 -1.64 12.08
C SER B 234 -46.85 -1.64 13.60
N GLN B 235 -45.67 -1.27 14.08
CA GLN B 235 -45.35 -1.29 15.48
C GLN B 235 -45.92 -0.02 16.12
N ASP B 236 -46.42 -0.11 17.37
CA ASP B 236 -47.04 1.02 18.06
C ASP B 236 -46.03 1.64 19.03
N GLY B 237 -46.40 2.77 19.65
CA GLY B 237 -45.46 3.58 20.41
C GLY B 237 -44.54 4.39 19.50
N ARG B 238 -43.59 5.12 20.10
CA ARG B 238 -42.61 5.88 19.34
C ARG B 238 -41.60 4.91 18.70
N PHE B 239 -41.42 5.01 17.38
CA PHE B 239 -40.40 4.25 16.69
C PHE B 239 -39.14 5.10 16.64
N ILE B 240 -38.04 4.55 17.14
CA ILE B 240 -36.74 5.19 17.13
C ILE B 240 -35.90 4.49 16.07
N ASN B 241 -35.44 5.23 15.05
CA ASN B 241 -34.71 4.62 13.95
C ASN B 241 -33.28 4.34 14.37
N GLY B 242 -32.72 5.16 15.28
CA GLY B 242 -31.36 4.89 15.72
C GLY B 242 -30.74 5.94 16.65
N TYR B 243 -29.49 5.64 16.98
CA TYR B 243 -28.61 6.50 17.76
C TYR B 243 -27.29 6.54 17.00
N ILE B 244 -26.92 7.74 16.57
CA ILE B 244 -25.75 7.92 15.73
C ILE B 244 -24.51 7.48 16.50
N THR B 245 -24.39 7.90 17.76
CA THR B 245 -23.21 7.61 18.57
C THR B 245 -23.60 6.90 19.86
N ALA B 246 -22.63 6.13 20.40
CA ALA B 246 -22.76 5.47 21.68
C ALA B 246 -21.36 5.41 22.31
N ALA B 247 -20.89 6.57 22.77
CA ALA B 247 -19.55 6.69 23.29
C ALA B 247 -19.47 6.09 24.68
N CYS B 248 -18.23 5.84 25.12
CA CYS B 248 -17.99 5.25 26.43
C CYS B 248 -16.60 5.63 26.94
N GLY B 249 -16.15 6.84 26.63
CA GLY B 249 -14.83 7.29 27.03
C GLY B 249 -14.86 7.97 28.39
N SER B 250 -13.68 8.42 28.83
CA SER B 250 -13.52 9.05 30.13
C SER B 250 -13.91 10.53 30.09
N ARG B 251 -14.36 11.04 31.23
CA ARG B 251 -14.77 12.48 31.33
C ARG B 251 -13.57 13.42 31.15
N ASP B 252 -12.35 12.91 31.25
CA ASP B 252 -11.17 13.77 31.20
C ASP B 252 -10.59 13.83 29.80
N ASP B 253 -11.05 12.97 28.88
CA ASP B 253 -10.54 12.95 27.52
C ASP B 253 -11.47 13.69 26.57
N LEU B 254 -11.13 13.76 25.29
CA LEU B 254 -11.86 14.56 24.31
C LEU B 254 -13.17 13.87 23.90
N GLY B 255 -13.10 12.58 23.54
CA GLY B 255 -14.28 11.86 23.09
C GLY B 255 -14.54 12.10 21.62
N PHE B 256 -15.81 12.04 21.20
CA PHE B 256 -16.16 12.23 19.81
C PHE B 256 -16.43 13.71 19.52
N VAL B 257 -15.80 14.23 18.46
CA VAL B 257 -16.08 15.56 17.96
C VAL B 257 -16.45 15.47 16.48
N PHE B 258 -17.66 15.87 16.11
CA PHE B 258 -18.01 16.04 14.70
C PHE B 258 -17.93 17.52 14.33
N ARG B 259 -17.23 17.83 13.24
CA ARG B 259 -17.09 19.23 12.77
C ARG B 259 -17.47 19.35 11.29
N ASN B 260 -18.40 20.24 10.97
CA ASN B 260 -18.74 20.53 9.59
C ASN B 260 -19.21 19.26 8.88
N CYS B 261 -19.98 18.44 9.57
CA CYS B 261 -20.49 17.19 9.03
C CYS B 261 -21.95 17.38 8.66
N THR B 262 -22.45 16.56 7.76
CA THR B 262 -23.89 16.47 7.49
C THR B 262 -24.44 15.26 8.24
N VAL B 263 -25.45 15.45 9.09
CA VAL B 263 -25.94 14.41 9.97
C VAL B 263 -27.45 14.34 9.81
N ARG B 264 -27.96 13.15 9.46
CA ARG B 264 -29.38 13.04 9.21
C ARG B 264 -29.82 11.58 9.10
N GLY B 265 -31.13 11.37 9.11
CA GLY B 265 -31.71 10.12 8.69
C GLY B 265 -31.70 9.98 7.18
N GLU B 266 -31.82 8.74 6.70
CA GLU B 266 -32.05 8.39 5.32
C GLU B 266 -33.39 8.98 4.90
N GLU B 267 -33.53 9.32 3.61
CA GLU B 267 -34.80 9.80 3.07
C GLU B 267 -35.85 8.73 3.37
N GLY B 268 -36.95 9.15 4.02
CA GLY B 268 -38.00 8.23 4.43
C GLY B 268 -38.13 8.15 5.95
N CYS B 269 -37.03 8.38 6.68
CA CYS B 269 -37.06 8.42 8.14
C CYS B 269 -38.11 9.41 8.60
N ILE B 270 -38.95 8.96 9.54
CA ILE B 270 -39.97 9.79 10.13
C ILE B 270 -39.30 10.89 10.94
N GLU B 271 -40.01 12.01 11.08
CA GLU B 271 -39.53 13.14 11.84
C GLU B 271 -39.14 12.70 13.26
N GLY B 272 -38.04 13.26 13.75
CA GLY B 272 -37.69 13.25 15.16
C GLY B 272 -37.39 11.84 15.67
N SER B 273 -36.86 10.98 14.80
CA SER B 273 -36.71 9.56 15.08
C SER B 273 -35.25 9.14 15.14
N VAL B 274 -34.31 10.09 15.04
CA VAL B 274 -32.89 9.81 15.01
C VAL B 274 -32.18 10.63 16.08
N PHE B 275 -31.55 9.97 17.06
CA PHE B 275 -30.80 10.67 18.09
C PHE B 275 -29.35 10.82 17.66
N LEU B 276 -28.72 11.87 18.19
CA LEU B 276 -27.32 12.14 17.96
C LEU B 276 -26.48 11.19 18.80
N GLY B 277 -27.04 10.67 19.89
CA GLY B 277 -26.31 9.75 20.74
C GLY B 277 -27.11 9.21 21.92
N ARG B 278 -26.63 8.09 22.47
CA ARG B 278 -27.00 7.67 23.81
C ARG B 278 -25.74 7.18 24.49
N PRO B 279 -25.56 7.37 25.80
CA PRO B 279 -24.29 7.04 26.45
C PRO B 279 -24.13 5.55 26.82
N TRP B 280 -23.21 4.90 26.14
CA TRP B 280 -22.95 3.49 26.34
C TRP B 280 -22.35 3.28 27.72
N ARG B 281 -21.51 4.21 28.19
CA ARG B 281 -21.22 4.40 29.60
C ARG B 281 -21.46 5.87 29.94
N ASP B 282 -21.44 6.16 31.25
CA ASP B 282 -22.08 7.32 31.84
C ASP B 282 -21.26 8.61 31.66
N GLU B 283 -20.00 8.52 31.24
CA GLU B 283 -19.20 9.73 31.05
C GLU B 283 -19.02 10.03 29.56
N ALA B 284 -19.88 9.44 28.72
CA ALA B 284 -19.86 9.62 27.28
C ALA B 284 -19.67 11.10 26.91
N ARG B 285 -18.84 11.37 25.91
CA ARG B 285 -18.64 12.70 25.35
C ARG B 285 -18.84 12.68 23.83
N THR B 286 -19.78 13.51 23.35
CA THR B 286 -20.04 13.63 21.93
C THR B 286 -20.59 15.04 21.63
N VAL B 287 -19.89 15.79 20.77
CA VAL B 287 -20.32 17.14 20.37
C VAL B 287 -20.41 17.20 18.85
N PHE B 288 -21.34 18.01 18.36
CA PHE B 288 -21.43 18.31 16.95
C PHE B 288 -21.21 19.81 16.79
N LEU B 289 -20.15 20.20 16.05
CA LEU B 289 -19.81 21.61 15.92
C LEU B 289 -20.03 22.04 14.47
N ASP B 290 -20.91 23.02 14.24
CA ASP B 290 -21.12 23.59 12.91
C ASP B 290 -21.56 22.53 11.92
N CYS B 291 -22.48 21.65 12.35
CA CYS B 291 -22.92 20.55 11.51
C CYS B 291 -24.26 20.89 10.88
N LYS B 292 -24.56 20.27 9.74
CA LYS B 292 -25.85 20.44 9.07
C LYS B 292 -26.74 19.27 9.44
N MET B 293 -27.99 19.54 9.82
CA MET B 293 -28.96 18.51 10.17
C MET B 293 -30.35 18.82 9.61
N ASP B 294 -31.22 17.83 9.59
CA ASP B 294 -32.62 18.04 9.23
C ASP B 294 -33.47 17.62 10.43
N ASN B 295 -34.79 17.47 10.22
CA ASN B 295 -35.75 17.32 11.30
C ASN B 295 -36.06 15.83 11.51
N SER B 296 -35.28 14.94 10.87
CA SER B 296 -35.24 13.54 11.27
C SER B 296 -34.56 13.43 12.62
N ILE B 297 -33.74 14.43 12.96
CA ILE B 297 -33.09 14.44 14.26
C ILE B 297 -34.14 14.64 15.33
N ALA B 298 -34.07 13.84 16.40
CA ALA B 298 -35.07 13.89 17.46
C ALA B 298 -35.03 15.23 18.17
N PRO B 299 -36.20 15.72 18.62
CA PRO B 299 -36.26 16.97 19.37
C PRO B 299 -35.43 16.96 20.65
N GLU B 300 -35.32 15.80 21.31
CA GLU B 300 -34.54 15.68 22.54
C GLU B 300 -33.04 15.73 22.21
N ARG B 301 -32.68 15.40 20.95
CA ARG B 301 -31.33 15.47 20.43
C ARG B 301 -30.52 14.24 20.86
N PHE B 302 -30.32 14.05 22.17
CA PHE B 302 -29.69 12.85 22.69
C PHE B 302 -30.65 12.09 23.59
N SER B 303 -30.47 10.76 23.65
CA SER B 303 -31.25 9.90 24.51
C SER B 303 -30.43 9.61 25.76
N GLY B 304 -31.13 9.30 26.85
CA GLY B 304 -30.52 8.57 27.95
C GLY B 304 -30.28 7.12 27.53
N TRP B 305 -29.53 6.36 28.35
CA TRP B 305 -29.35 4.93 28.14
C TRP B 305 -30.53 4.18 28.75
N GLY B 306 -31.30 3.47 27.91
CA GLY B 306 -32.36 2.60 28.40
C GLY B 306 -33.72 3.27 28.51
N ALA B 307 -33.73 4.60 28.37
CA ALA B 307 -34.96 5.36 28.22
C ALA B 307 -34.60 6.77 27.73
N VAL B 308 -35.48 7.35 26.93
CA VAL B 308 -35.21 8.61 26.26
C VAL B 308 -34.94 9.70 27.29
N ASP B 309 -35.76 9.76 28.34
CA ASP B 309 -35.73 10.87 29.27
C ASP B 309 -34.95 10.51 30.54
N LYS B 310 -34.05 9.51 30.46
CA LYS B 310 -33.27 9.10 31.62
C LYS B 310 -32.11 10.07 31.77
N ASP B 311 -31.91 10.59 32.99
CA ASP B 311 -30.90 11.60 33.26
C ASP B 311 -29.52 10.99 33.10
N GLN B 312 -28.60 11.76 32.50
CA GLN B 312 -27.23 11.32 32.27
C GLN B 312 -26.32 12.49 32.64
N PRO B 313 -26.25 12.86 33.93
CA PRO B 313 -25.58 14.10 34.33
C PRO B 313 -24.06 14.13 34.20
N ASP B 314 -23.44 12.99 33.84
CA ASP B 314 -21.98 12.89 33.81
C ASP B 314 -21.48 12.90 32.37
N THR B 315 -22.39 12.89 31.40
CA THR B 315 -22.04 13.03 29.99
C THR B 315 -21.67 14.48 29.67
N TYR B 316 -20.94 14.67 28.55
CA TYR B 316 -20.85 15.97 27.89
C TYR B 316 -21.37 15.78 26.46
N TYR B 317 -22.68 15.99 26.31
CA TYR B 317 -23.37 15.94 25.03
C TYR B 317 -23.78 17.35 24.59
N GLY B 318 -23.72 17.66 23.28
CA GLY B 318 -24.05 19.01 22.87
C GLY B 318 -23.96 19.27 21.36
N GLU B 319 -24.52 20.43 20.96
CA GLU B 319 -24.46 20.97 19.60
C GLU B 319 -24.03 22.44 19.66
N TYR B 320 -23.18 22.88 18.72
CA TYR B 320 -22.91 24.30 18.54
C TYR B 320 -23.26 24.69 17.10
N ARG B 321 -24.29 25.54 16.93
CA ARG B 321 -24.58 26.20 15.66
C ARG B 321 -24.89 25.15 14.59
N SER B 322 -25.80 24.24 14.93
CA SER B 322 -26.34 23.29 13.97
C SER B 322 -27.24 24.01 12.95
N LEU B 323 -27.01 23.75 11.66
CA LEU B 323 -27.70 24.50 10.63
C LEU B 323 -28.64 23.58 9.86
N ASP B 324 -29.81 24.04 9.41
CA ASP B 324 -30.67 23.19 8.59
C ASP B 324 -29.97 22.93 7.25
N ILE B 325 -30.10 21.68 6.78
CA ILE B 325 -29.49 21.21 5.56
C ILE B 325 -30.00 21.99 4.33
N ILE B 326 -31.28 22.37 4.33
CA ILE B 326 -31.88 22.92 3.13
C ILE B 326 -31.58 24.42 3.05
N ASP B 327 -31.83 25.17 4.15
CA ASP B 327 -31.87 26.63 4.16
C ASP B 327 -30.66 27.26 4.86
N SER B 328 -29.83 26.47 5.54
CA SER B 328 -28.75 26.98 6.36
C SER B 328 -29.26 27.86 7.52
N SER B 329 -30.53 27.72 7.89
CA SER B 329 -31.09 28.45 9.02
C SER B 329 -30.67 27.75 10.33
N VAL B 330 -30.45 28.55 11.38
CA VAL B 330 -29.96 28.06 12.65
C VAL B 330 -31.04 27.15 13.24
N ILE B 331 -30.63 25.99 13.75
CA ILE B 331 -31.57 25.11 14.41
C ILE B 331 -31.61 25.52 15.88
N VAL B 332 -32.81 25.57 16.45
CA VAL B 332 -32.97 25.77 17.88
C VAL B 332 -33.73 24.57 18.44
N ALA B 333 -33.16 23.95 19.47
CA ALA B 333 -33.89 22.95 20.23
C ALA B 333 -33.94 23.37 21.68
N ASP B 334 -35.12 23.83 22.12
CA ASP B 334 -35.34 24.13 23.52
C ASP B 334 -36.12 22.96 24.14
N ALA B 335 -36.33 21.91 23.35
CA ALA B 335 -36.95 20.67 23.82
C ALA B 335 -35.90 19.56 23.96
N LYS B 336 -34.60 19.91 23.86
CA LYS B 336 -33.53 18.97 24.11
C LYS B 336 -33.62 18.44 25.55
N ASN B 337 -33.04 17.26 25.80
CA ASN B 337 -32.97 16.74 27.16
C ASN B 337 -32.21 17.70 28.07
N ALA B 338 -32.61 17.68 29.34
CA ALA B 338 -32.07 18.56 30.36
C ALA B 338 -30.57 18.38 30.52
N PHE B 339 -30.07 17.15 30.32
CA PHE B 339 -28.67 16.84 30.63
C PHE B 339 -27.76 17.28 29.48
N VAL B 340 -28.34 17.59 28.31
CA VAL B 340 -27.58 18.07 27.15
C VAL B 340 -27.02 19.44 27.48
N LYS B 341 -25.75 19.67 27.14
CA LYS B 341 -25.07 20.88 27.54
C LYS B 341 -25.38 22.03 26.59
N ASP B 342 -25.22 23.26 27.11
CA ASP B 342 -25.15 24.47 26.31
C ASP B 342 -23.70 24.78 26.00
N ILE B 343 -23.32 24.58 24.73
CA ILE B 343 -21.95 24.85 24.35
C ILE B 343 -21.81 26.36 24.18
N THR B 344 -21.16 27.02 25.14
CA THR B 344 -20.85 28.43 25.05
C THR B 344 -19.77 28.64 23.99
N GLU B 345 -19.56 29.91 23.62
CA GLU B 345 -18.51 30.29 22.67
C GLU B 345 -17.15 29.87 23.21
N LYS B 346 -16.98 29.92 24.55
CA LYS B 346 -15.73 29.51 25.17
C LYS B 346 -15.58 27.98 25.12
N ASP B 347 -16.63 27.22 25.50
CA ASP B 347 -16.60 25.78 25.34
C ASP B 347 -16.25 25.39 23.91
N TYR B 348 -16.82 26.10 22.93
CA TYR B 348 -16.62 25.77 21.53
C TYR B 348 -15.17 25.93 21.09
N LYS B 349 -14.52 27.03 21.51
CA LYS B 349 -13.12 27.24 21.18
C LYS B 349 -12.27 26.15 21.81
N ASN B 350 -12.63 25.70 23.03
CA ASN B 350 -11.86 24.69 23.73
C ASN B 350 -11.94 23.38 22.93
N LEU B 351 -13.16 22.94 22.61
CA LEU B 351 -13.38 21.72 21.86
C LEU B 351 -12.72 21.81 20.49
N SER B 352 -12.70 23.00 19.87
CA SER B 352 -12.09 23.16 18.56
C SER B 352 -10.59 23.05 18.66
N ASP B 353 -10.01 23.68 19.69
CA ASP B 353 -8.57 23.63 19.92
C ASP B 353 -8.13 22.19 20.21
N ARG B 354 -8.94 21.42 20.97
CA ARG B 354 -8.58 20.07 21.37
C ARG B 354 -8.69 19.14 20.16
N ALA B 355 -9.74 19.31 19.38
CA ALA B 355 -9.90 18.59 18.12
C ALA B 355 -8.74 18.89 17.20
N ASP B 356 -8.32 20.17 17.16
CA ASP B 356 -7.18 20.58 16.35
C ASP B 356 -5.91 19.84 16.79
N GLU B 357 -5.67 19.69 18.10
CA GLU B 357 -4.41 19.09 18.51
C GLU B 357 -4.45 17.57 18.32
N LEU B 358 -5.61 16.92 18.38
CA LEU B 358 -5.70 15.52 18.00
C LEU B 358 -5.41 15.35 16.50
N LYS B 359 -5.94 16.24 15.66
CA LYS B 359 -5.69 16.20 14.24
C LYS B 359 -4.19 16.30 13.95
N LYS B 360 -3.48 17.16 14.67
CA LYS B 360 -2.05 17.32 14.50
C LYS B 360 -1.33 16.01 14.86
N LYS B 361 -1.65 15.48 16.05
CA LYS B 361 -1.06 14.23 16.54
C LYS B 361 -1.21 13.12 15.50
N VAL B 362 -2.36 13.07 14.82
CA VAL B 362 -2.63 12.00 13.88
C VAL B 362 -1.90 12.25 12.56
N THR B 363 -1.94 13.47 12.03
CA THR B 363 -1.38 13.73 10.70
C THR B 363 0.10 14.10 10.77
N GLU B 364 0.59 14.51 11.94
CA GLU B 364 1.97 14.94 12.12
C GLU B 364 2.93 13.82 11.67
N LYS C 27 24.13 6.78 -45.23
CA LYS C 27 23.55 7.98 -44.58
C LYS C 27 23.95 8.02 -43.10
N ARG C 28 25.21 7.64 -42.81
CA ARG C 28 25.73 7.60 -41.45
C ARG C 28 25.36 8.89 -40.72
N MET C 29 24.84 8.73 -39.51
CA MET C 29 24.46 9.84 -38.67
C MET C 29 25.73 10.40 -38.02
N PHE C 30 25.83 11.72 -37.88
CA PHE C 30 26.99 12.34 -37.25
C PHE C 30 26.82 12.23 -35.74
N GLU C 31 27.76 11.55 -35.07
CA GLU C 31 27.58 11.23 -33.66
C GLU C 31 28.64 11.91 -32.81
N VAL C 32 28.23 12.43 -31.65
CA VAL C 32 29.20 12.99 -30.71
C VAL C 32 28.90 12.46 -29.33
N HIS C 33 29.94 12.09 -28.58
CA HIS C 33 29.73 11.60 -27.23
C HIS C 33 30.23 12.66 -26.25
N VAL C 34 29.32 13.16 -25.40
CA VAL C 34 29.70 14.03 -24.31
C VAL C 34 29.76 13.22 -23.00
N LYS C 35 30.89 13.33 -22.29
CA LYS C 35 31.02 12.74 -20.97
C LYS C 35 31.94 13.59 -20.10
N LYS C 36 31.79 13.42 -18.79
CA LYS C 36 32.67 14.07 -17.83
C LYS C 36 34.08 13.53 -18.02
N GLU C 37 34.19 12.26 -18.44
CA GLU C 37 35.46 11.59 -18.68
C GLU C 37 35.34 10.69 -19.90
N ASN C 38 36.41 10.66 -20.72
CA ASN C 38 36.53 9.74 -21.85
C ASN C 38 35.52 10.03 -22.94
N GLY C 39 35.00 11.27 -23.00
CA GLY C 39 34.08 11.66 -24.05
C GLY C 39 34.84 12.22 -25.25
N ASP C 40 34.13 12.49 -26.34
CA ASP C 40 34.69 13.31 -27.42
C ASP C 40 34.91 14.71 -26.85
N TYR C 41 33.91 15.19 -26.11
CA TYR C 41 34.01 16.46 -25.42
C TYR C 41 33.45 16.31 -24.02
N SER C 42 33.81 17.24 -23.13
CA SER C 42 33.35 17.29 -21.77
C SER C 42 32.17 18.24 -21.60
N THR C 43 31.89 19.05 -22.63
CA THR C 43 30.79 20.01 -22.60
C THR C 43 29.84 19.77 -23.77
N ILE C 44 28.56 20.09 -23.56
CA ILE C 44 27.56 19.94 -24.59
C ILE C 44 27.78 21.02 -25.66
N THR C 45 28.15 22.22 -25.21
CA THR C 45 28.41 23.35 -26.09
C THR C 45 29.41 22.94 -27.17
N GLU C 46 30.53 22.32 -26.76
CA GLU C 46 31.54 21.94 -27.73
C GLU C 46 30.97 20.89 -28.68
N ALA C 47 30.06 20.04 -28.22
CA ALA C 47 29.52 19.02 -29.10
C ALA C 47 28.63 19.68 -30.15
N ILE C 48 27.82 20.64 -29.71
CA ILE C 48 26.95 21.38 -30.62
C ILE C 48 27.78 22.08 -31.71
N GLN C 49 28.94 22.63 -31.34
CA GLN C 49 29.80 23.32 -32.29
C GLN C 49 30.35 22.34 -33.32
N ALA C 50 30.53 21.11 -32.88
CA ALA C 50 31.08 20.07 -33.74
C ALA C 50 30.09 19.71 -34.83
N VAL C 51 28.80 19.89 -34.57
CA VAL C 51 27.82 19.37 -35.49
C VAL C 51 27.66 20.34 -36.66
N PRO C 52 27.87 19.90 -37.90
CA PRO C 52 27.51 20.75 -39.05
C PRO C 52 25.99 20.86 -39.14
N TYR C 53 25.51 22.11 -39.25
CA TYR C 53 24.08 22.39 -39.35
C TYR C 53 23.34 21.42 -40.29
N GLU C 54 23.92 21.10 -41.43
CA GLU C 54 23.13 20.46 -42.48
C GLU C 54 23.08 18.94 -42.32
N GLU C 55 23.82 18.40 -41.35
CA GLU C 55 23.91 16.96 -41.19
C GLU C 55 23.07 16.48 -40.02
N LYS C 56 22.23 15.48 -40.31
CA LYS C 56 21.54 14.71 -39.29
C LYS C 56 22.56 14.25 -38.25
N ALA C 57 22.29 14.59 -36.99
CA ALA C 57 23.28 14.36 -35.95
C ALA C 57 22.61 13.88 -34.68
N ILE C 58 23.45 13.35 -33.79
CA ILE C 58 22.99 12.93 -32.49
C ILE C 58 24.12 13.16 -31.51
N ILE C 59 23.76 13.72 -30.36
CA ILE C 59 24.70 13.92 -29.28
C ILE C 59 24.26 13.05 -28.09
N TYR C 60 25.10 12.07 -27.71
CA TYR C 60 24.86 11.26 -26.52
C TYR C 60 25.50 11.96 -25.34
N ILE C 61 24.75 12.11 -24.26
CA ILE C 61 25.30 12.81 -23.11
C ILE C 61 25.25 11.88 -21.90
N GLY C 62 26.43 11.57 -21.36
CA GLY C 62 26.55 10.71 -20.19
C GLY C 62 26.08 11.40 -18.91
N GLU C 63 25.98 10.59 -17.87
CA GLU C 63 25.64 11.02 -16.53
C GLU C 63 26.44 12.23 -16.11
N GLY C 64 25.74 13.15 -15.43
CA GLY C 64 26.36 14.26 -14.75
C GLY C 64 25.47 15.50 -14.78
N THR C 65 25.93 16.53 -14.06
CA THR C 65 25.33 17.85 -14.08
C THR C 65 26.21 18.74 -14.94
N TYR C 66 25.65 19.27 -16.03
CA TYR C 66 26.36 20.15 -16.93
C TYR C 66 25.84 21.56 -16.75
N HIS C 67 26.67 22.42 -16.13
CA HIS C 67 26.31 23.80 -15.88
C HIS C 67 26.69 24.63 -17.11
N GLU C 68 25.76 24.78 -18.04
CA GLU C 68 26.01 25.44 -19.31
C GLU C 68 24.76 26.15 -19.80
N LYS C 69 24.97 27.22 -20.59
CA LYS C 69 23.91 27.88 -21.32
C LYS C 69 24.03 27.48 -22.78
N LEU C 70 23.03 26.77 -23.30
CA LEU C 70 23.15 26.19 -24.62
C LEU C 70 22.44 27.05 -25.67
N PHE C 71 23.07 27.17 -26.82
CA PHE C 71 22.40 27.72 -27.99
C PHE C 71 22.60 26.74 -29.15
N CYS C 72 21.53 26.13 -29.60
CA CYS C 72 21.61 25.13 -30.63
C CYS C 72 20.69 25.51 -31.78
N GLU C 73 21.26 25.63 -32.98
CA GLU C 73 20.47 25.85 -34.19
C GLU C 73 20.97 24.87 -35.25
N LYS C 74 20.16 23.84 -35.57
CA LYS C 74 20.61 22.81 -36.49
C LYS C 74 19.47 22.32 -37.37
N SER C 75 19.79 21.63 -38.46
CA SER C 75 18.71 21.13 -39.32
C SER C 75 17.99 19.96 -38.67
N ASP C 76 18.73 19.04 -38.06
CA ASP C 76 18.14 17.79 -37.57
C ASP C 76 19.06 17.16 -36.52
N ILE C 77 18.83 17.49 -35.26
CA ILE C 77 19.70 16.99 -34.24
C ILE C 77 18.89 16.33 -33.12
N THR C 78 19.47 15.29 -32.51
CA THR C 78 18.91 14.57 -31.37
C THR C 78 19.87 14.64 -30.19
N PHE C 79 19.37 15.00 -29.01
CA PHE C 79 20.11 14.87 -27.78
C PHE C 79 19.52 13.72 -26.96
N VAL C 80 20.39 12.82 -26.47
CA VAL C 80 19.99 11.68 -25.68
C VAL C 80 20.84 11.66 -24.42
N GLY C 81 20.22 11.96 -23.27
CA GLY C 81 20.91 11.86 -21.99
C GLY C 81 20.80 10.46 -21.39
N ALA C 82 21.33 10.27 -20.18
CA ALA C 82 21.34 8.98 -19.51
C ALA C 82 20.06 8.74 -18.71
N GLY C 83 19.11 9.68 -18.77
CA GLY C 83 17.84 9.56 -18.10
C GLY C 83 17.53 10.77 -17.22
N ILE C 84 16.27 10.87 -16.83
CA ILE C 84 15.83 12.00 -16.01
C ILE C 84 16.62 12.02 -14.70
N ASP C 85 17.18 13.19 -14.38
CA ASP C 85 17.93 13.46 -13.16
C ASP C 85 19.21 12.60 -13.07
N LYS C 86 19.62 12.02 -14.21
CA LYS C 86 20.92 11.35 -14.35
C LYS C 86 21.82 12.23 -15.23
N THR C 87 21.28 12.65 -16.38
CA THR C 87 21.85 13.75 -17.15
C THR C 87 21.06 15.04 -16.88
N ILE C 88 21.72 16.07 -16.35
CA ILE C 88 21.05 17.30 -15.95
C ILE C 88 21.79 18.46 -16.61
N ILE C 89 21.05 19.28 -17.39
CA ILE C 89 21.57 20.53 -17.92
C ILE C 89 20.97 21.67 -17.10
N GLU C 90 21.82 22.45 -16.41
CA GLU C 90 21.32 23.51 -15.53
C GLU C 90 22.06 24.81 -15.78
N TYR C 91 21.35 25.94 -15.62
CA TYR C 91 21.97 27.26 -15.59
C TYR C 91 21.06 28.16 -14.75
N ASP C 92 21.51 29.37 -14.40
CA ASP C 92 20.83 30.21 -13.42
C ASP C 92 20.75 31.69 -13.85
N ASP C 93 20.42 31.94 -15.12
CA ASP C 93 20.19 33.29 -15.59
C ASP C 93 18.73 33.66 -15.35
N GLY C 94 18.50 34.87 -14.83
CA GLY C 94 17.16 35.39 -14.65
C GLY C 94 16.98 36.73 -15.33
N ALA C 95 15.72 37.02 -15.71
CA ALA C 95 15.39 38.23 -16.43
C ALA C 95 15.85 39.49 -15.69
N PHE C 96 15.93 39.45 -14.34
CA PHE C 96 16.22 40.66 -13.59
C PHE C 96 17.73 40.93 -13.54
N ASP C 97 18.53 39.98 -14.02
CA ASP C 97 19.99 40.13 -14.02
C ASP C 97 20.40 41.34 -14.87
N GLN C 98 21.54 41.94 -14.50
CA GLN C 98 22.13 42.99 -15.31
C GLN C 98 23.21 42.39 -16.20
N MET C 99 23.16 42.76 -17.49
CA MET C 99 24.14 42.36 -18.47
C MET C 99 25.30 43.35 -18.47
N GLU C 100 26.40 42.98 -19.14
CA GLU C 100 27.61 43.78 -19.08
C GLU C 100 27.37 45.17 -19.65
N ASP C 101 26.58 45.24 -20.73
CA ASP C 101 26.31 46.52 -21.43
C ASP C 101 25.41 47.42 -20.59
N GLY C 102 24.91 46.92 -19.48
CA GLY C 102 24.06 47.70 -18.60
C GLY C 102 22.57 47.32 -18.73
N SER C 103 22.20 46.63 -19.81
CA SER C 103 20.81 46.31 -20.06
C SER C 103 20.30 45.23 -19.11
N LYS C 104 18.98 45.15 -18.93
CA LYS C 104 18.41 44.06 -18.13
C LYS C 104 18.20 42.85 -19.04
N MET C 105 18.56 41.67 -18.55
CA MET C 105 18.66 40.48 -19.37
C MET C 105 17.32 40.21 -20.07
N GLY C 106 16.23 40.27 -19.31
CA GLY C 106 14.89 40.03 -19.85
C GLY C 106 14.57 38.54 -19.99
N THR C 107 13.29 38.29 -20.19
CA THR C 107 12.76 36.93 -20.29
C THR C 107 13.55 36.10 -21.30
N PHE C 108 13.64 36.61 -22.53
CA PHE C 108 13.98 35.78 -23.66
C PHE C 108 15.49 35.64 -23.84
N ARG C 109 16.26 36.13 -22.85
CA ARG C 109 17.67 35.86 -22.79
C ARG C 109 18.04 35.02 -21.57
N SER C 110 17.05 34.58 -20.78
CA SER C 110 17.31 33.88 -19.54
C SER C 110 17.50 32.37 -19.73
N TYR C 111 17.29 31.86 -20.96
CA TYR C 111 17.11 30.42 -21.20
C TYR C 111 18.34 29.63 -20.75
N THR C 112 18.12 28.47 -20.13
CA THR C 112 19.20 27.50 -19.94
C THR C 112 19.54 26.86 -21.29
N ALA C 113 18.54 26.62 -22.13
CA ALA C 113 18.83 26.00 -23.41
C ALA C 113 17.89 26.53 -24.49
N PHE C 114 18.47 26.94 -25.63
CA PHE C 114 17.70 27.34 -26.78
C PHE C 114 17.79 26.25 -27.83
N PHE C 115 16.65 25.79 -28.32
CA PHE C 115 16.63 24.77 -29.36
C PHE C 115 15.91 25.35 -30.57
N GLY C 116 16.70 25.70 -31.59
CA GLY C 116 16.15 26.20 -32.83
C GLY C 116 16.62 25.41 -34.03
N GLY C 117 16.15 25.82 -35.21
CA GLY C 117 16.48 25.12 -36.42
C GLY C 117 15.24 24.49 -37.02
N LYS C 118 15.42 23.44 -37.83
CA LYS C 118 14.27 22.78 -38.44
C LYS C 118 13.71 21.68 -37.52
N ARG C 119 14.52 20.72 -37.07
CA ARG C 119 14.02 19.65 -36.23
C ARG C 119 14.97 19.44 -35.05
N VAL C 120 14.44 19.48 -33.82
CA VAL C 120 15.23 19.06 -32.68
C VAL C 120 14.50 17.96 -31.90
N THR C 121 15.26 17.00 -31.37
CA THR C 121 14.71 15.94 -30.52
C THR C 121 15.54 15.91 -29.24
N VAL C 122 14.86 15.92 -28.10
CA VAL C 122 15.56 15.78 -26.80
C VAL C 122 14.96 14.57 -26.06
N ARG C 123 15.79 13.71 -25.47
CA ARG C 123 15.25 12.48 -24.82
C ARG C 123 16.10 12.04 -23.62
N ASN C 124 15.44 11.62 -22.54
CA ASN C 124 16.13 11.04 -21.36
C ASN C 124 17.04 12.04 -20.64
N MET C 125 16.49 13.11 -20.07
CA MET C 125 17.34 14.03 -19.30
C MET C 125 16.53 15.07 -18.53
N THR C 126 17.22 15.91 -17.77
CA THR C 126 16.54 17.00 -17.04
C THR C 126 17.16 18.34 -17.46
N ILE C 127 16.35 19.33 -17.80
CA ILE C 127 16.86 20.67 -18.10
C ILE C 127 16.25 21.64 -17.10
N ALA C 128 17.09 22.40 -16.41
CA ALA C 128 16.64 23.20 -15.29
C ALA C 128 17.14 24.65 -15.41
N ASN C 129 16.28 25.58 -14.97
CA ASN C 129 16.71 26.92 -14.60
C ASN C 129 16.60 27.06 -13.08
N THR C 130 17.76 27.16 -12.42
CA THR C 130 17.84 27.05 -10.97
C THR C 130 17.96 28.41 -10.31
N VAL C 131 17.60 29.51 -11.00
CA VAL C 131 17.85 30.84 -10.45
C VAL C 131 16.94 31.09 -9.25
N GLY C 132 15.67 30.66 -9.35
CA GLY C 132 14.73 30.72 -8.24
C GLY C 132 13.41 31.38 -8.62
N ASP C 133 12.67 31.77 -7.58
CA ASP C 133 11.35 32.38 -7.70
C ASP C 133 11.42 33.70 -8.46
N GLY C 134 10.35 33.96 -9.24
CA GLY C 134 10.28 35.09 -10.15
C GLY C 134 10.17 36.43 -9.44
N SER C 135 9.78 36.42 -8.15
CA SER C 135 9.58 37.68 -7.45
C SER C 135 10.93 38.35 -7.20
N LEU C 136 11.99 37.54 -7.05
CA LEU C 136 13.34 38.02 -6.79
C LEU C 136 14.22 38.00 -8.04
N HIS C 137 13.98 37.06 -8.97
CA HIS C 137 14.89 36.84 -10.09
C HIS C 137 14.24 37.08 -11.45
N GLY C 138 12.93 37.37 -11.46
CA GLY C 138 12.21 37.56 -12.71
C GLY C 138 11.98 36.23 -13.43
N GLN C 139 11.41 36.31 -14.63
CA GLN C 139 11.22 35.16 -15.50
C GLN C 139 12.56 34.48 -15.76
N ALA C 140 12.52 33.16 -15.96
CA ALA C 140 13.74 32.40 -16.11
C ALA C 140 13.45 31.07 -16.80
N LEU C 141 13.66 31.03 -18.13
CA LEU C 141 13.33 29.85 -18.92
C LEU C 141 14.34 28.76 -18.62
N ALA C 142 13.84 27.51 -18.54
CA ALA C 142 14.68 26.34 -18.67
C ALA C 142 14.92 26.09 -20.16
N VAL C 143 13.82 26.15 -20.93
CA VAL C 143 13.91 25.76 -22.32
C VAL C 143 13.21 26.81 -23.17
N TYR C 144 13.91 27.20 -24.24
CA TYR C 144 13.36 28.09 -25.29
C TYR C 144 13.25 27.17 -26.50
N ALA C 145 12.05 26.72 -26.80
CA ALA C 145 11.84 25.75 -27.86
C ALA C 145 11.41 26.50 -29.12
N ASP C 146 12.33 26.66 -30.08
CA ASP C 146 12.12 27.55 -31.21
C ASP C 146 12.08 26.81 -32.53
N ALA C 147 12.52 25.54 -32.57
CA ALA C 147 12.67 24.84 -33.84
C ALA C 147 11.31 24.63 -34.50
N ASN C 148 11.31 24.46 -35.81
CA ASN C 148 10.05 24.28 -36.53
C ASN C 148 9.26 23.10 -35.99
N ILE C 149 10.01 22.04 -35.62
CA ILE C 149 9.49 20.81 -35.07
C ILE C 149 10.36 20.44 -33.88
N CYS C 150 9.73 20.38 -32.70
CA CYS C 150 10.41 19.94 -31.49
C CYS C 150 9.76 18.66 -30.97
N PHE C 151 10.57 17.72 -30.48
CA PHE C 151 10.09 16.46 -29.95
C PHE C 151 10.86 16.16 -28.67
N PHE C 152 10.17 16.24 -27.54
CA PHE C 152 10.75 15.91 -26.25
C PHE C 152 10.12 14.62 -25.75
N GLU C 153 10.96 13.71 -25.26
CA GLU C 153 10.46 12.43 -24.75
C GLU C 153 11.28 12.06 -23.51
N ASN C 154 10.58 11.77 -22.41
CA ASN C 154 11.22 11.41 -21.14
CA ASN C 154 11.23 11.39 -21.16
C ASN C 154 12.19 12.51 -20.75
N VAL C 155 11.70 13.76 -20.81
CA VAL C 155 12.48 14.89 -20.41
C VAL C 155 11.80 15.57 -19.24
N LYS C 156 12.60 15.99 -18.26
CA LYS C 156 12.11 16.78 -17.14
C LYS C 156 12.63 18.20 -17.24
N MET C 157 11.74 19.17 -17.00
CA MET C 157 12.09 20.57 -17.12
C MET C 157 11.63 21.29 -15.87
N THR C 158 12.54 21.94 -15.17
CA THR C 158 12.15 22.60 -13.94
C THR C 158 12.47 24.09 -14.01
N GLY C 159 11.57 24.86 -13.41
CA GLY C 159 11.84 26.25 -13.11
C GLY C 159 10.75 26.79 -12.19
N HIS C 160 10.69 28.13 -12.13
CA HIS C 160 9.67 28.86 -11.41
C HIS C 160 8.81 29.58 -12.44
N GLN C 161 9.13 30.85 -12.72
CA GLN C 161 8.36 31.64 -13.68
C GLN C 161 8.91 31.35 -15.08
N ASP C 162 8.01 31.02 -16.02
CA ASP C 162 8.30 30.90 -17.44
C ASP C 162 9.25 29.75 -17.75
N THR C 163 9.02 28.58 -17.14
CA THR C 163 9.91 27.43 -17.34
C THR C 163 10.11 27.06 -18.81
N LEU C 164 9.02 26.89 -19.56
CA LEU C 164 9.13 26.41 -20.92
C LEU C 164 8.42 27.38 -21.85
N PHE C 165 9.19 27.93 -22.81
CA PHE C 165 8.65 28.80 -23.84
C PHE C 165 8.52 28.02 -25.14
N CYS C 166 7.31 27.95 -25.67
CA CYS C 166 7.08 27.24 -26.91
C CYS C 166 6.76 28.31 -27.95
N ALA C 167 7.76 28.60 -28.77
CA ALA C 167 7.66 29.69 -29.72
C ALA C 167 6.63 29.34 -30.80
N PRO C 168 5.92 30.32 -31.39
CA PRO C 168 6.43 31.69 -31.50
C PRO C 168 5.99 32.77 -30.51
N LEU C 169 6.77 33.85 -30.42
CA LEU C 169 6.40 35.03 -29.65
C LEU C 169 5.10 35.60 -30.19
N PRO C 170 4.39 36.39 -29.36
CA PRO C 170 3.27 37.17 -29.85
C PRO C 170 3.73 38.14 -30.94
N LEU C 171 2.80 38.69 -31.70
CA LEU C 171 3.17 39.54 -32.84
C LEU C 171 3.89 40.79 -32.35
N THR C 172 3.36 41.45 -31.32
CA THR C 172 3.97 42.68 -30.85
C THR C 172 4.08 42.71 -29.33
N GLU C 173 5.14 43.36 -28.90
CA GLU C 173 5.43 43.45 -27.46
C GLU C 173 4.48 44.38 -26.74
N ARG C 174 4.46 44.28 -25.43
CA ARG C 174 3.70 45.17 -24.56
C ARG C 174 4.63 46.05 -23.73
N GLN C 175 5.88 45.61 -23.52
CA GLN C 175 6.91 46.41 -22.85
C GLN C 175 8.04 46.65 -23.84
N LYS C 176 8.70 47.81 -23.74
CA LYS C 176 9.85 48.12 -24.58
C LYS C 176 10.97 47.10 -24.30
N ASN C 177 11.51 46.48 -25.37
CA ASN C 177 12.56 45.45 -25.26
C ASN C 177 12.05 44.15 -24.60
N GLY C 178 10.74 43.93 -24.64
CA GLY C 178 10.13 42.83 -23.91
C GLY C 178 10.54 41.49 -24.51
N PHE C 179 10.84 41.49 -25.81
CA PHE C 179 11.21 40.28 -26.53
C PHE C 179 12.69 40.20 -26.82
N MET C 180 13.48 41.15 -26.31
CA MET C 180 14.93 41.12 -26.45
C MET C 180 15.41 39.69 -26.20
N GLY C 181 16.22 39.21 -27.16
CA GLY C 181 16.63 37.82 -27.23
C GLY C 181 16.95 37.45 -28.67
N PRO C 182 17.23 36.17 -28.96
CA PRO C 182 17.69 35.77 -30.30
C PRO C 182 16.68 35.77 -31.45
N ARG C 183 15.40 36.02 -31.18
CA ARG C 183 14.42 35.98 -32.25
C ARG C 183 13.58 37.26 -32.29
N VAL C 184 14.08 38.33 -31.64
CA VAL C 184 13.32 39.57 -31.55
C VAL C 184 13.16 40.18 -32.94
N LEU C 185 14.15 40.01 -33.81
CA LEU C 185 14.15 40.60 -35.14
C LEU C 185 13.51 39.67 -36.16
N ASN C 186 13.23 38.42 -35.76
CA ASN C 186 12.95 37.36 -36.70
C ASN C 186 11.44 37.30 -36.92
N PRO C 187 10.96 36.61 -37.97
CA PRO C 187 9.52 36.40 -38.12
C PRO C 187 9.01 35.52 -36.99
N ARG C 188 7.68 35.54 -36.82
CA ARG C 188 6.98 34.75 -35.83
C ARG C 188 6.62 33.42 -36.50
N LYS C 189 7.60 32.49 -36.58
CA LYS C 189 7.41 31.25 -37.30
C LYS C 189 6.55 30.35 -36.42
N LYS C 190 5.49 29.78 -37.02
CA LYS C 190 4.66 28.78 -36.38
C LYS C 190 5.52 27.55 -36.15
N THR C 191 5.33 26.86 -35.01
CA THR C 191 6.02 25.62 -34.73
C THR C 191 5.04 24.51 -34.35
N ALA C 192 5.51 23.27 -34.45
CA ALA C 192 4.77 22.09 -34.03
C ALA C 192 5.62 21.31 -33.03
N GLN C 193 5.15 21.18 -31.80
CA GLN C 193 5.93 20.53 -30.76
C GLN C 193 5.15 19.38 -30.12
N LEU C 194 5.86 18.30 -29.80
CA LEU C 194 5.27 17.18 -29.09
C LEU C 194 6.11 16.89 -27.86
N TYR C 195 5.40 16.73 -26.74
CA TYR C 195 5.97 16.32 -25.46
C TYR C 195 5.31 15.00 -25.06
N ARG C 196 6.12 13.96 -24.82
CA ARG C 196 5.62 12.64 -24.46
C ARG C 196 6.35 12.15 -23.21
N ASN C 197 5.60 11.86 -22.14
CA ASN C 197 6.16 11.28 -20.94
C ASN C 197 7.15 12.22 -20.28
N CYS C 198 6.88 13.52 -20.38
CA CYS C 198 7.75 14.54 -19.81
C CYS C 198 7.20 14.91 -18.44
N GLU C 199 8.06 15.50 -17.60
CA GLU C 199 7.63 16.11 -16.36
C GLU C 199 8.00 17.59 -16.44
N ILE C 200 7.05 18.47 -16.15
CA ILE C 200 7.28 19.90 -16.32
C ILE C 200 6.84 20.63 -15.06
N TYR C 201 7.74 21.42 -14.48
CA TYR C 201 7.50 22.03 -13.18
C TYR C 201 7.74 23.53 -13.28
N GLY C 202 6.90 24.28 -12.59
CA GLY C 202 7.04 25.74 -12.56
C GLY C 202 5.90 26.33 -11.77
N ASP C 203 5.72 27.64 -11.84
CA ASP C 203 4.55 28.24 -11.16
C ASP C 203 3.83 29.20 -12.10
N VAL C 204 4.41 30.38 -12.31
CA VAL C 204 3.72 31.44 -13.12
C VAL C 204 3.97 31.22 -14.63
N ASP C 205 2.90 31.02 -15.39
CA ASP C 205 3.01 30.96 -16.84
C ASP C 205 4.14 30.02 -17.29
N PHE C 206 4.20 28.80 -16.74
CA PHE C 206 5.42 28.03 -16.87
C PHE C 206 5.41 27.15 -18.12
N ILE C 207 4.29 27.13 -18.86
CA ILE C 207 4.29 26.66 -20.22
C ILE C 207 3.61 27.73 -21.06
N PHE C 208 4.34 28.45 -21.91
CA PHE C 208 3.78 29.64 -22.55
C PHE C 208 4.33 29.86 -23.95
N GLY C 209 3.58 30.59 -24.76
CA GLY C 209 3.96 30.90 -26.13
C GLY C 209 2.89 30.44 -27.14
N GLY C 210 3.24 30.52 -28.43
CA GLY C 210 2.28 30.49 -29.51
C GLY C 210 2.37 29.21 -30.34
N ALA C 211 3.11 28.22 -29.85
CA ALA C 211 3.23 26.95 -30.54
C ALA C 211 1.88 26.23 -30.64
N ASP C 212 1.77 25.39 -31.67
CA ASP C 212 0.91 24.22 -31.61
C ASP C 212 1.72 23.15 -30.89
N ALA C 213 1.26 22.77 -29.69
CA ALA C 213 1.99 21.84 -28.84
C ALA C 213 1.04 20.80 -28.26
N VAL C 214 1.39 19.52 -28.42
CA VAL C 214 0.66 18.44 -27.77
C VAL C 214 1.51 17.86 -26.64
N PHE C 215 0.94 17.83 -25.44
CA PHE C 215 1.56 17.13 -24.34
C PHE C 215 0.81 15.82 -24.11
N GLU C 216 1.53 14.68 -24.21
CA GLU C 216 0.92 13.36 -24.00
C GLU C 216 1.54 12.65 -22.80
N ASP C 217 0.68 12.17 -21.90
CA ASP C 217 1.09 11.30 -20.82
C ASP C 217 2.17 11.98 -20.00
N CYS C 218 2.01 13.29 -19.78
CA CYS C 218 2.99 14.08 -19.08
C CYS C 218 2.52 14.30 -17.65
N LEU C 219 3.47 14.56 -16.75
CA LEU C 219 3.17 15.07 -15.43
C LEU C 219 3.46 16.56 -15.40
N ILE C 220 2.46 17.37 -15.02
CA ILE C 220 2.55 18.84 -15.03
C ILE C 220 2.22 19.36 -13.65
N VAL C 221 3.18 20.01 -12.99
CA VAL C 221 3.03 20.31 -11.57
C VAL C 221 3.36 21.77 -11.31
N CYS C 222 2.40 22.51 -10.74
CA CYS C 222 2.64 23.87 -10.28
C CYS C 222 3.31 23.87 -8.92
N ASN C 223 4.43 24.59 -8.80
CA ASN C 223 5.12 24.72 -7.52
C ASN C 223 4.19 25.38 -6.51
N ASN C 224 4.49 25.13 -5.23
CA ASN C 224 3.89 25.83 -4.11
C ASN C 224 4.64 27.14 -3.91
N ARG C 225 4.28 28.15 -4.71
CA ARG C 225 4.86 29.49 -4.61
C ARG C 225 4.80 30.02 -3.19
N GLN C 226 3.75 29.65 -2.45
CA GLN C 226 3.47 30.30 -1.18
C GLN C 226 4.63 30.04 -0.21
N LYS C 227 5.36 28.93 -0.37
CA LYS C 227 6.44 28.60 0.56
C LYS C 227 7.77 29.22 0.11
N ASN C 228 7.88 29.57 -1.18
CA ASN C 228 9.13 29.97 -1.80
C ASN C 228 9.30 31.49 -1.82
N VAL C 229 8.52 32.20 -1.01
CA VAL C 229 8.51 33.66 -0.91
C VAL C 229 8.43 33.98 0.59
N ALA C 230 9.18 34.98 1.07
CA ALA C 230 9.18 35.29 2.49
C ALA C 230 9.10 36.81 2.73
N GLY C 237 -4.65 39.29 0.24
CA GLY C 237 -5.88 38.74 -0.33
C GLY C 237 -5.71 37.29 -0.77
N ARG C 238 -6.29 36.92 -1.91
CA ARG C 238 -6.21 35.51 -2.38
C ARG C 238 -4.80 35.22 -2.88
N PHE C 239 -4.17 34.16 -2.35
CA PHE C 239 -2.87 33.76 -2.87
C PHE C 239 -3.05 32.79 -4.04
N ILE C 240 -2.45 33.16 -5.19
CA ILE C 240 -2.50 32.36 -6.40
C ILE C 240 -1.12 31.75 -6.59
N ASN C 241 -1.02 30.42 -6.62
CA ASN C 241 0.27 29.77 -6.70
C ASN C 241 0.82 29.84 -8.12
N GLY C 242 -0.07 29.84 -9.13
CA GLY C 242 0.41 29.95 -10.50
C GLY C 242 -0.65 29.79 -11.58
N TYR C 243 -0.15 29.83 -12.82
CA TYR C 243 -0.90 29.62 -14.04
C TYR C 243 -0.06 28.66 -14.86
N ILE C 244 -0.63 27.51 -15.15
CA ILE C 244 0.11 26.45 -15.80
C ILE C 244 0.51 26.91 -17.20
N THR C 245 -0.46 27.46 -17.93
CA THR C 245 -0.22 27.90 -19.30
C THR C 245 -0.47 29.41 -19.43
N ALA C 246 0.24 29.98 -20.41
CA ALA C 246 0.02 31.35 -20.84
C ALA C 246 0.24 31.38 -22.36
N ALA C 247 -0.71 30.82 -23.10
CA ALA C 247 -0.60 30.74 -24.54
C ALA C 247 -0.86 32.13 -25.17
N CYS C 248 -0.43 32.25 -26.43
CA CYS C 248 -0.58 33.47 -27.19
C CYS C 248 -0.64 33.14 -28.68
N GLY C 249 -1.25 32.01 -29.02
CA GLY C 249 -1.36 31.59 -30.41
C GLY C 249 -2.56 32.22 -31.12
N SER C 250 -2.68 31.88 -32.42
CA SER C 250 -3.77 32.36 -33.25
C SER C 250 -5.06 31.56 -33.03
N ARG C 251 -6.19 32.24 -33.22
CA ARG C 251 -7.52 31.69 -33.04
C ARG C 251 -7.76 30.49 -33.98
N ASP C 252 -7.04 30.43 -35.10
CA ASP C 252 -7.34 29.48 -36.16
C ASP C 252 -6.43 28.25 -36.06
N ASP C 253 -5.44 28.30 -35.16
CA ASP C 253 -4.48 27.20 -35.01
C ASP C 253 -4.88 26.36 -33.81
N LEU C 254 -4.10 25.29 -33.53
CA LEU C 254 -4.45 24.29 -32.54
C LEU C 254 -4.19 24.81 -31.13
N GLY C 255 -2.98 25.34 -30.90
CA GLY C 255 -2.60 25.81 -29.59
C GLY C 255 -2.09 24.67 -28.73
N PHE C 256 -2.25 24.80 -27.41
CA PHE C 256 -1.82 23.77 -26.49
C PHE C 256 -2.92 22.71 -26.27
N VAL C 257 -2.57 21.43 -26.44
CA VAL C 257 -3.44 20.31 -26.15
C VAL C 257 -2.73 19.39 -25.16
N PHE C 258 -3.31 19.27 -23.97
CA PHE C 258 -2.78 18.31 -22.99
C PHE C 258 -3.72 17.09 -22.97
N ARG C 259 -3.20 15.92 -23.34
CA ARG C 259 -4.00 14.67 -23.37
C ARG C 259 -3.43 13.63 -22.41
N ASN C 260 -4.27 13.00 -21.59
CA ASN C 260 -3.83 11.87 -20.71
C ASN C 260 -2.67 12.30 -19.82
N CYS C 261 -2.74 13.51 -19.26
CA CYS C 261 -1.66 14.04 -18.46
C CYS C 261 -2.14 14.10 -17.02
N THR C 262 -1.21 14.13 -16.07
CA THR C 262 -1.55 14.43 -14.68
C THR C 262 -1.22 15.89 -14.41
N VAL C 263 -2.20 16.66 -13.93
CA VAL C 263 -2.06 18.11 -13.84
C VAL C 263 -2.46 18.55 -12.43
N ARG C 264 -1.55 19.20 -11.70
CA ARG C 264 -1.84 19.47 -10.30
C ARG C 264 -0.81 20.41 -9.68
N GLY C 265 -1.14 20.91 -8.50
CA GLY C 265 -0.16 21.57 -7.66
C GLY C 265 0.72 20.55 -6.96
N GLU C 266 1.87 21.03 -6.49
CA GLU C 266 2.77 20.30 -5.61
C GLU C 266 2.02 20.02 -4.30
N GLU C 267 2.36 18.92 -3.63
CA GLU C 267 1.74 18.61 -2.34
C GLU C 267 2.06 19.78 -1.40
N GLY C 268 1.02 20.35 -0.78
CA GLY C 268 1.15 21.53 0.06
C GLY C 268 0.41 22.74 -0.51
N CYS C 269 0.24 22.79 -1.84
CA CYS C 269 -0.54 23.84 -2.47
C CYS C 269 -1.93 23.88 -1.85
N ILE C 270 -2.37 25.09 -1.49
CA ILE C 270 -3.70 25.29 -0.95
C ILE C 270 -4.74 24.99 -2.04
N GLU C 271 -5.94 24.58 -1.61
CA GLU C 271 -7.05 24.30 -2.50
C GLU C 271 -7.30 25.48 -3.43
N GLY C 272 -7.55 25.18 -4.70
CA GLY C 272 -8.13 26.11 -5.63
C GLY C 272 -7.20 27.27 -5.95
N SER C 273 -5.87 27.05 -5.91
CA SER C 273 -4.89 28.12 -6.02
C SER C 273 -4.04 28.02 -7.29
N VAL C 274 -4.38 27.06 -8.17
CA VAL C 274 -3.61 26.81 -9.37
C VAL C 274 -4.53 26.85 -10.58
N PHE C 275 -4.29 27.79 -11.50
CA PHE C 275 -5.08 27.88 -12.72
C PHE C 275 -4.45 27.05 -13.82
N LEU C 276 -5.32 26.54 -14.69
CA LEU C 276 -4.91 25.80 -15.87
C LEU C 276 -4.30 26.76 -16.89
N GLY C 277 -4.69 28.04 -16.84
CA GLY C 277 -4.10 29.04 -17.72
C GLY C 277 -4.62 30.46 -17.51
N ARG C 278 -3.85 31.43 -18.02
CA ARG C 278 -4.35 32.76 -18.27
C ARG C 278 -3.84 33.18 -19.64
N PRO C 279 -4.62 33.94 -20.43
CA PRO C 279 -4.27 34.23 -21.81
C PRO C 279 -3.27 35.39 -21.97
N TRP C 280 -2.07 35.04 -22.42
CA TRP C 280 -1.00 36.01 -22.59
C TRP C 280 -1.35 36.97 -23.72
N ARG C 281 -1.98 36.45 -24.79
CA ARG C 281 -2.77 37.24 -25.73
C ARG C 281 -4.18 36.64 -25.80
N ASP C 282 -5.07 37.40 -26.42
CA ASP C 282 -6.52 37.27 -26.24
C ASP C 282 -7.09 36.11 -27.06
N GLU C 283 -6.32 35.50 -27.97
CA GLU C 283 -6.84 34.37 -28.72
C GLU C 283 -6.24 33.04 -28.21
N ALA C 284 -5.70 33.06 -26.98
CA ALA C 284 -5.08 31.90 -26.37
C ALA C 284 -5.96 30.65 -26.50
N ARG C 285 -5.33 29.52 -26.81
CA ARG C 285 -5.99 28.23 -26.88
C ARG C 285 -5.27 27.20 -26.02
N THR C 286 -6.00 26.62 -25.07
CA THR C 286 -5.46 25.59 -24.19
C THR C 286 -6.60 24.66 -23.74
N VAL C 287 -6.49 23.36 -24.08
CA VAL C 287 -7.48 22.37 -23.69
C VAL C 287 -6.78 21.23 -22.94
N PHE C 288 -7.49 20.64 -21.99
CA PHE C 288 -7.03 19.44 -21.30
C PHE C 288 -8.02 18.32 -21.62
N LEU C 289 -7.55 17.24 -22.25
CA LEU C 289 -8.44 16.15 -22.62
C LEU C 289 -8.10 14.91 -21.80
N ASP C 290 -9.06 14.37 -21.04
CA ASP C 290 -8.91 13.09 -20.34
C ASP C 290 -7.71 13.14 -19.38
N CYS C 291 -7.56 14.25 -18.65
CA CYS C 291 -6.42 14.47 -17.78
C CYS C 291 -6.83 14.20 -16.34
N LYS C 292 -5.87 13.83 -15.49
CA LYS C 292 -6.18 13.61 -14.08
C LYS C 292 -5.79 14.85 -13.28
N MET C 293 -6.67 15.32 -12.39
CA MET C 293 -6.39 16.52 -11.62
C MET C 293 -6.87 16.36 -10.18
N ASP C 294 -6.35 17.23 -9.30
CA ASP C 294 -6.81 17.31 -7.93
C ASP C 294 -7.43 18.69 -7.70
N ASN C 295 -7.69 19.01 -6.42
CA ASN C 295 -8.50 20.18 -6.08
C ASN C 295 -7.60 21.37 -5.74
N SER C 296 -6.29 21.25 -6.02
CA SER C 296 -5.41 22.41 -6.05
C SER C 296 -5.78 23.27 -7.26
N ILE C 297 -6.41 22.65 -8.28
CA ILE C 297 -6.84 23.39 -9.45
C ILE C 297 -7.95 24.32 -9.01
N ALA C 298 -7.88 25.59 -9.46
CA ALA C 298 -8.84 26.59 -9.04
C ALA C 298 -10.25 26.23 -9.51
N PRO C 299 -11.29 26.60 -8.72
CA PRO C 299 -12.66 26.39 -9.15
C PRO C 299 -13.00 27.09 -10.47
N GLU C 300 -12.39 28.26 -10.72
CA GLU C 300 -12.62 29.01 -11.94
C GLU C 300 -11.98 28.29 -13.12
N ARG C 301 -10.96 27.47 -12.86
CA ARG C 301 -10.24 26.66 -13.83
C ARG C 301 -9.19 27.53 -14.55
N PHE C 302 -9.66 28.54 -15.28
CA PHE C 302 -8.78 29.48 -15.95
C PHE C 302 -9.02 30.89 -15.43
N SER C 303 -7.96 31.71 -15.46
CA SER C 303 -8.00 33.10 -15.05
C SER C 303 -8.11 33.96 -16.29
N GLY C 304 -8.67 35.16 -16.15
CA GLY C 304 -8.43 36.21 -17.12
C GLY C 304 -7.00 36.72 -16.97
N TRP C 305 -6.58 37.56 -17.92
CA TRP C 305 -5.30 38.26 -17.84
C TRP C 305 -5.45 39.51 -16.97
N GLY C 306 -4.71 39.55 -15.85
CA GLY C 306 -4.61 40.74 -15.04
C GLY C 306 -5.66 40.82 -13.92
N ALA C 307 -6.61 39.88 -13.97
CA ALA C 307 -7.59 39.69 -12.90
C ALA C 307 -8.32 38.38 -13.17
N VAL C 308 -8.71 37.70 -12.10
CA VAL C 308 -9.29 36.36 -12.18
C VAL C 308 -10.56 36.40 -13.04
N ASP C 309 -11.39 37.42 -12.82
CA ASP C 309 -12.73 37.47 -13.38
C ASP C 309 -12.77 38.34 -14.64
N LYS C 310 -11.64 38.58 -15.31
CA LYS C 310 -11.64 39.39 -16.51
C LYS C 310 -12.13 38.54 -17.68
N ASP C 311 -13.12 39.02 -18.46
CA ASP C 311 -13.72 38.23 -19.52
C ASP C 311 -12.71 38.09 -20.66
N GLN C 312 -12.65 36.88 -21.23
CA GLN C 312 -11.72 36.60 -22.35
C GLN C 312 -12.50 35.81 -23.39
N PRO C 313 -13.48 36.42 -24.09
CA PRO C 313 -14.35 35.68 -25.01
C PRO C 313 -13.73 35.20 -26.32
N ASP C 314 -12.45 35.52 -26.56
CA ASP C 314 -11.80 35.14 -27.81
C ASP C 314 -10.83 33.98 -27.60
N THR C 315 -10.66 33.55 -26.34
CA THR C 315 -9.91 32.34 -26.01
C THR C 315 -10.72 31.10 -26.36
N TYR C 316 -10.03 29.96 -26.53
CA TYR C 316 -10.66 28.65 -26.46
C TYR C 316 -9.97 27.86 -25.34
N TYR C 317 -10.54 28.00 -24.15
CA TYR C 317 -10.08 27.36 -22.92
C TYR C 317 -11.11 26.30 -22.51
N GLY C 318 -10.66 25.14 -22.02
CA GLY C 318 -11.61 24.08 -21.71
C GLY C 318 -10.98 22.78 -21.18
N GLU C 319 -11.86 21.92 -20.63
CA GLU C 319 -11.56 20.58 -20.15
C GLU C 319 -12.58 19.59 -20.69
N TYR C 320 -12.10 18.40 -21.05
CA TYR C 320 -13.03 17.33 -21.46
C TYR C 320 -12.73 16.09 -20.62
N ARG C 321 -13.66 15.67 -19.76
CA ARG C 321 -13.52 14.42 -18.97
C ARG C 321 -12.30 14.47 -18.05
N SER C 322 -12.09 15.58 -17.34
CA SER C 322 -11.04 15.62 -16.35
C SER C 322 -11.43 14.72 -15.19
N LEU C 323 -10.50 13.85 -14.76
CA LEU C 323 -10.84 12.83 -13.79
C LEU C 323 -10.16 13.17 -12.48
N ASP C 324 -10.86 12.95 -11.37
CA ASP C 324 -10.22 13.12 -10.07
C ASP C 324 -9.08 12.09 -9.93
N ILE C 325 -7.97 12.54 -9.34
CA ILE C 325 -6.79 11.70 -9.16
C ILE C 325 -7.07 10.57 -8.17
N ILE C 326 -7.99 10.82 -7.24
N ILE C 326 -8.03 10.77 -7.26
CA ILE C 326 -8.34 9.91 -6.17
CA ILE C 326 -8.29 9.84 -6.18
C ILE C 326 -9.16 8.73 -6.70
C ILE C 326 -9.20 8.70 -6.65
N ASP C 327 -10.28 9.00 -7.38
CA ASP C 327 -11.28 7.97 -7.66
C ASP C 327 -11.62 7.85 -9.14
N SER C 328 -10.98 8.64 -10.01
CA SER C 328 -11.29 8.64 -11.43
C SER C 328 -12.74 9.05 -11.72
N SER C 329 -13.39 9.77 -10.79
CA SER C 329 -14.71 10.33 -11.05
C SER C 329 -14.54 11.60 -11.89
N VAL C 330 -15.53 11.84 -12.77
CA VAL C 330 -15.53 13.03 -13.63
C VAL C 330 -15.62 14.25 -12.72
N ILE C 331 -14.78 15.25 -13.03
CA ILE C 331 -14.81 16.51 -12.30
C ILE C 331 -15.87 17.40 -12.94
N VAL C 332 -16.66 18.07 -12.09
CA VAL C 332 -17.62 19.03 -12.58
C VAL C 332 -17.29 20.38 -11.94
N ALA C 333 -17.10 21.38 -12.79
CA ALA C 333 -16.94 22.75 -12.36
C ALA C 333 -18.07 23.58 -12.97
N ASP C 334 -19.04 23.92 -12.13
CA ASP C 334 -20.12 24.82 -12.51
C ASP C 334 -19.79 26.22 -11.98
N ALA C 335 -18.61 26.36 -11.38
CA ALA C 335 -18.10 27.66 -10.91
C ALA C 335 -16.91 28.10 -11.78
N LYS C 336 -16.69 27.46 -12.94
CA LYS C 336 -15.67 27.88 -13.89
C LYS C 336 -16.01 29.29 -14.39
N ASN C 337 -15.00 30.06 -14.85
CA ASN C 337 -15.28 31.34 -15.46
C ASN C 337 -16.18 31.18 -16.68
N ALA C 338 -17.01 32.20 -16.93
CA ALA C 338 -18.05 32.12 -17.94
C ALA C 338 -17.45 31.94 -19.34
N PHE C 339 -16.23 32.46 -19.56
CA PHE C 339 -15.63 32.43 -20.88
C PHE C 339 -15.01 31.07 -21.21
N VAL C 340 -14.86 30.21 -20.20
CA VAL C 340 -14.36 28.85 -20.40
C VAL C 340 -15.40 28.06 -21.19
N LYS C 341 -14.94 27.31 -22.19
CA LYS C 341 -15.86 26.62 -23.10
C LYS C 341 -16.37 25.32 -22.49
N ASP C 342 -17.52 24.88 -23.03
CA ASP C 342 -18.02 23.53 -22.88
C ASP C 342 -17.54 22.70 -24.06
N ILE C 343 -16.59 21.80 -23.82
CA ILE C 343 -16.14 20.92 -24.88
C ILE C 343 -17.18 19.82 -25.06
N THR C 344 -17.95 19.92 -26.13
CA THR C 344 -18.88 18.86 -26.50
C THR C 344 -18.10 17.66 -27.01
N GLU C 345 -18.80 16.53 -27.17
CA GLU C 345 -18.21 15.31 -27.69
C GLU C 345 -17.71 15.55 -29.13
N LYS C 346 -18.40 16.43 -29.87
CA LYS C 346 -17.98 16.79 -31.22
C LYS C 346 -16.71 17.63 -31.19
N ASP C 347 -16.68 18.68 -30.35
CA ASP C 347 -15.47 19.47 -30.17
C ASP C 347 -14.29 18.58 -29.79
N TYR C 348 -14.54 17.59 -28.91
CA TYR C 348 -13.48 16.72 -28.41
C TYR C 348 -12.86 15.87 -29.53
N LYS C 349 -13.69 15.30 -30.41
CA LYS C 349 -13.18 14.51 -31.52
C LYS C 349 -12.35 15.39 -32.44
N ASN C 350 -12.77 16.65 -32.61
CA ASN C 350 -12.07 17.57 -33.48
C ASN C 350 -10.68 17.85 -32.91
N LEU C 351 -10.63 18.25 -31.63
CA LEU C 351 -9.37 18.50 -30.93
C LEU C 351 -8.47 17.26 -30.94
N SER C 352 -9.06 16.06 -30.80
CA SER C 352 -8.27 14.85 -30.77
C SER C 352 -7.67 14.57 -32.16
N ASP C 353 -8.48 14.77 -33.20
CA ASP C 353 -8.05 14.54 -34.57
C ASP C 353 -6.93 15.53 -34.92
N ARG C 354 -7.02 16.78 -34.45
CA ARG C 354 -6.05 17.81 -34.79
C ARG C 354 -4.74 17.57 -34.03
N ALA C 355 -4.86 17.18 -32.75
CA ALA C 355 -3.70 16.76 -31.98
C ALA C 355 -3.04 15.55 -32.65
N ASP C 356 -3.85 14.63 -33.17
CA ASP C 356 -3.34 13.46 -33.86
C ASP C 356 -2.54 13.86 -35.09
N GLU C 357 -3.01 14.85 -35.87
CA GLU C 357 -2.31 15.28 -37.08
C GLU C 357 -0.96 15.94 -36.74
N LEU C 358 -0.92 16.73 -35.66
CA LEU C 358 0.33 17.33 -35.22
C LEU C 358 1.32 16.25 -34.79
N LYS C 359 0.85 15.23 -34.06
CA LYS C 359 1.70 14.15 -33.61
C LYS C 359 2.34 13.43 -34.80
N LYS C 360 1.56 13.20 -35.86
CA LYS C 360 2.06 12.53 -37.06
C LYS C 360 3.15 13.39 -37.69
N LYS C 361 2.85 14.68 -37.90
CA LYS C 361 3.77 15.62 -38.52
C LYS C 361 5.12 15.60 -37.80
N VAL C 362 5.09 15.50 -36.45
CA VAL C 362 6.30 15.56 -35.65
C VAL C 362 7.07 14.24 -35.73
N THR C 363 6.38 13.10 -35.60
CA THR C 363 7.07 11.82 -35.48
C THR C 363 7.23 11.14 -36.84
N GLU C 364 6.51 11.62 -37.86
CA GLU C 364 6.50 11.08 -39.22
C GLU C 364 7.92 10.76 -39.72
#